data_6CVE
#
_entry.id   6CVE
#
_cell.length_a   54.810
_cell.length_b   103.841
_cell.length_c   152.620
_cell.angle_alpha   90.000
_cell.angle_beta   90.000
_cell.angle_gamma   90.000
#
_symmetry.space_group_name_H-M   'P 21 21 21'
#
loop_
_entity.id
_entity.type
_entity.pdbx_description
1 polymer 'ATP-dependent dethiobiotin synthetase BioD'
2 non-polymer "CYTIDINE-5'-TRIPHOSPHATE"
3 non-polymer 'MAGNESIUM ION'
4 non-polymer '7-(CARBOXYAMINO)-8-AMINO-NONANOIC ACID'
5 non-polymer 'CITRATE ANION'
6 water water
#
_entity_poly.entity_id   1
_entity_poly.type   'polypeptide(L)'
_entity_poly.pdbx_seq_one_letter_code
;MGHHHHHHGGTILVVTGTGTGVGKTVVCAALASAARQAGIDVAVCKPVQTGTARGDDDLAEVGRLAGVTQLAGLARYPQP
MAPAAAAEHAGMALPARDQIVRLIADLDRPGRLTLVEGAGGLLVELAEPGVTLRDVAVDVAAAALVVVTADLGTLNHTKL
TLEALAAQQVSCAGLVIGSWPDPPGLVAASNRSALARIAMVRAALPAGAASLDAGDFAAMSAAAFDRNWVAGLVG
;
_entity_poly.pdbx_strand_id   A,B,C,D
#
loop_
_chem_comp.id
_chem_comp.type
_chem_comp.name
_chem_comp.formula
CTP non-polymer CYTIDINE-5'-TRIPHOSPHATE 'C9 H16 N3 O14 P3'
DSD non-polymer '7-(CARBOXYAMINO)-8-AMINO-NONANOIC ACID' 'C10 H20 N2 O4'
FLC non-polymer 'CITRATE ANION' 'C6 H5 O7 -3'
MG non-polymer 'MAGNESIUM ION' 'Mg 2'
#
# COMPACT_ATOMS: atom_id res chain seq x y z
N GLY A 9 -20.63 11.37 -2.82
CA GLY A 9 -20.55 10.79 -4.15
C GLY A 9 -20.72 9.29 -4.23
N GLY A 10 -20.12 8.69 -5.26
CA GLY A 10 -20.08 7.24 -5.42
C GLY A 10 -18.66 6.72 -5.36
N THR A 11 -18.33 5.73 -6.19
CA THR A 11 -16.94 5.30 -6.33
C THR A 11 -16.43 5.59 -7.74
N ILE A 12 -15.25 6.19 -7.80
CA ILE A 12 -14.55 6.45 -9.05
C ILE A 12 -13.32 5.56 -9.09
N LEU A 13 -13.17 4.80 -10.17
CA LEU A 13 -11.91 4.12 -10.50
C LEU A 13 -11.37 4.68 -11.81
N VAL A 14 -10.13 5.14 -11.81
CA VAL A 14 -9.39 5.24 -13.06
C VAL A 14 -8.89 3.86 -13.46
N VAL A 15 -9.04 3.54 -14.73
CA VAL A 15 -8.61 2.26 -15.27
C VAL A 15 -7.41 2.54 -16.16
N THR A 16 -6.22 2.32 -15.61
CA THR A 16 -4.98 2.61 -16.31
C THR A 16 -4.36 1.29 -16.74
N GLY A 17 -3.16 1.38 -17.31
CA GLY A 17 -2.48 0.19 -17.79
C GLY A 17 -0.99 0.43 -17.87
N THR A 18 -0.25 -0.68 -17.99
CA THR A 18 1.19 -0.53 -18.15
C THR A 18 1.57 0.04 -19.50
N GLY A 19 0.62 0.16 -20.43
CA GLY A 19 0.89 0.86 -21.67
C GLY A 19 -0.34 0.90 -22.55
N THR A 20 -0.12 1.27 -23.81
CA THR A 20 -1.21 1.28 -24.76
C THR A 20 -1.32 -0.09 -25.41
N GLY A 21 -2.56 -0.52 -25.65
CA GLY A 21 -2.81 -1.81 -26.27
C GLY A 21 -2.85 -2.97 -25.32
N VAL A 22 -2.96 -2.71 -24.02
CA VAL A 22 -2.86 -3.76 -23.02
C VAL A 22 -4.22 -4.31 -22.60
N GLY A 23 -5.32 -3.73 -23.06
CA GLY A 23 -6.64 -4.20 -22.74
C GLY A 23 -7.47 -3.30 -21.83
N LYS A 24 -7.16 -2.01 -21.73
CA LYS A 24 -7.91 -1.15 -20.82
C LYS A 24 -9.39 -1.12 -21.19
N THR A 25 -9.68 -0.92 -22.47
CA THR A 25 -11.06 -0.83 -22.94
C THR A 25 -11.83 -2.12 -22.63
N VAL A 26 -11.25 -3.29 -22.95
CA VAL A 26 -11.93 -4.54 -22.65
C VAL A 26 -12.10 -4.74 -21.15
N VAL A 27 -11.15 -4.26 -20.34
CA VAL A 27 -11.30 -4.37 -18.89
C VAL A 27 -12.41 -3.45 -18.40
N CYS A 28 -12.42 -2.21 -18.90
CA CYS A 28 -13.53 -1.31 -18.60
C CYS A 28 -14.88 -1.97 -18.85
N ALA A 29 -15.02 -2.59 -20.02
CA ALA A 29 -16.28 -3.24 -20.39
C ALA A 29 -16.60 -4.42 -19.47
N ALA A 30 -15.60 -5.27 -19.19
CA ALA A 30 -15.85 -6.46 -18.37
C ALA A 30 -16.20 -6.11 -16.93
N LEU A 31 -15.48 -5.15 -16.35
CA LEU A 31 -15.81 -4.76 -14.98
C LEU A 31 -17.14 -4.02 -14.95
N ALA A 32 -17.40 -3.21 -15.97
CA ALA A 32 -18.71 -2.56 -16.09
C ALA A 32 -19.80 -3.61 -16.19
N SER A 33 -19.60 -4.63 -17.05
CA SER A 33 -20.59 -5.70 -17.20
C SER A 33 -20.79 -6.45 -15.89
N ALA A 34 -19.71 -6.79 -15.21
CA ALA A 34 -19.85 -7.55 -13.97
C ALA A 34 -20.57 -6.73 -12.91
N ALA A 35 -20.28 -5.42 -12.82
CA ALA A 35 -20.91 -4.60 -11.79
C ALA A 35 -22.40 -4.38 -12.09
N ARG A 36 -22.78 -4.26 -13.37
CA ARG A 36 -24.20 -4.15 -13.69
C ARG A 36 -24.97 -5.37 -13.26
N GLN A 37 -24.44 -6.57 -13.51
CA GLN A 37 -25.15 -7.79 -13.14
C GLN A 37 -25.24 -7.95 -11.64
N ALA A 38 -24.44 -7.21 -10.89
CA ALA A 38 -24.58 -7.13 -9.45
C ALA A 38 -25.58 -6.05 -9.04
N GLY A 39 -26.24 -5.43 -10.00
CA GLY A 39 -27.20 -4.38 -9.73
C GLY A 39 -26.61 -3.01 -9.50
N ILE A 40 -25.30 -2.83 -9.74
CA ILE A 40 -24.60 -1.55 -9.55
C ILE A 40 -24.72 -0.69 -10.81
N ASP A 41 -24.97 0.60 -10.64
CA ASP A 41 -25.00 1.53 -11.76
C ASP A 41 -23.58 1.92 -12.18
N VAL A 42 -23.35 1.95 -13.50
CA VAL A 42 -22.01 2.12 -14.06
C VAL A 42 -22.00 3.24 -15.09
N ALA A 43 -21.07 4.18 -14.94
CA ALA A 43 -20.70 5.08 -16.02
C ALA A 43 -19.26 4.82 -16.42
N VAL A 44 -18.97 4.94 -17.70
CA VAL A 44 -17.61 4.88 -18.21
C VAL A 44 -17.31 6.19 -18.89
N CYS A 45 -16.14 6.75 -18.59
CA CYS A 45 -15.70 8.06 -19.07
C CYS A 45 -14.36 7.94 -19.79
N LYS A 46 -14.26 8.60 -20.94
CA LYS A 46 -13.06 8.58 -21.79
C LYS A 46 -12.72 10.02 -22.16
N PRO A 47 -12.00 10.72 -21.29
CA PRO A 47 -11.82 12.18 -21.49
C PRO A 47 -10.97 12.53 -22.70
N VAL A 48 -9.89 11.81 -22.95
CA VAL A 48 -9.04 12.04 -24.11
C VAL A 48 -9.03 10.79 -24.98
N GLN A 49 -9.47 10.92 -26.22
CA GLN A 49 -9.59 9.83 -27.17
C GLN A 49 -8.86 10.23 -28.45
N THR A 50 -7.81 9.49 -28.79
CA THR A 50 -7.06 9.75 -30.00
C THR A 50 -7.38 8.69 -31.04
N GLY A 51 -6.95 8.94 -32.27
CA GLY A 51 -7.16 7.98 -33.35
C GLY A 51 -8.58 7.86 -33.86
N THR A 52 -9.41 8.91 -33.75
CA THR A 52 -10.79 8.77 -34.23
C THR A 52 -10.82 8.57 -35.75
N ALA A 53 -9.95 9.27 -36.48
CA ALA A 53 -9.88 9.09 -37.93
C ALA A 53 -9.57 7.65 -38.35
N ARG A 54 -9.13 6.78 -37.44
CA ARG A 54 -8.99 5.36 -37.71
C ARG A 54 -10.15 4.56 -37.15
N GLY A 55 -11.21 5.22 -36.68
CA GLY A 55 -12.33 4.48 -36.12
C GLY A 55 -12.14 4.00 -34.70
N ASP A 56 -11.09 4.43 -34.04
CA ASP A 56 -10.93 4.18 -32.60
C ASP A 56 -12.00 4.94 -31.82
N ASP A 57 -12.86 4.21 -31.10
CA ASP A 57 -13.85 4.83 -30.22
C ASP A 57 -14.03 3.90 -29.02
N ASP A 58 -13.30 4.20 -27.94
CA ASP A 58 -13.33 3.31 -26.78
C ASP A 58 -14.68 3.32 -26.08
N LEU A 59 -15.33 4.49 -26.00
CA LEU A 59 -16.67 4.52 -25.43
C LEU A 59 -17.64 3.63 -26.20
N ALA A 60 -17.64 3.75 -27.53
CA ALA A 60 -18.51 2.93 -28.36
C ALA A 60 -18.25 1.45 -28.15
N GLU A 61 -16.99 1.07 -27.99
CA GLU A 61 -16.66 -0.34 -27.85
C GLU A 61 -17.13 -0.88 -26.49
N VAL A 62 -16.98 -0.10 -25.42
CA VAL A 62 -17.58 -0.46 -24.15
C VAL A 62 -19.09 -0.64 -24.29
N GLY A 63 -19.75 0.25 -25.03
CA GLY A 63 -21.18 0.10 -25.22
C GLY A 63 -21.51 -1.16 -25.99
N ARG A 64 -20.66 -1.49 -26.97
CA ARG A 64 -20.92 -2.65 -27.81
C ARG A 64 -20.73 -3.97 -27.04
N LEU A 65 -19.71 -4.04 -26.19
CA LEU A 65 -19.48 -5.28 -25.45
C LEU A 65 -20.35 -5.35 -24.19
N ALA A 66 -20.62 -4.23 -23.55
CA ALA A 66 -21.21 -4.26 -22.22
C ALA A 66 -22.63 -3.74 -22.15
N GLY A 67 -23.13 -3.10 -23.21
CA GLY A 67 -24.42 -2.45 -23.13
C GLY A 67 -24.46 -1.20 -22.27
N VAL A 68 -23.31 -0.70 -21.79
CA VAL A 68 -23.30 0.56 -21.06
C VAL A 68 -23.85 1.67 -21.95
N THR A 69 -24.83 2.41 -21.42
CA THR A 69 -25.44 3.54 -22.12
C THR A 69 -24.95 4.88 -21.61
N GLN A 70 -24.31 4.93 -20.45
CA GLN A 70 -23.80 6.17 -19.86
C GLN A 70 -22.33 6.31 -20.21
N LEU A 71 -22.08 6.76 -21.44
CA LEU A 71 -20.75 7.00 -21.96
C LEU A 71 -20.50 8.50 -22.06
N ALA A 72 -19.40 8.96 -21.47
CA ALA A 72 -19.06 10.38 -21.47
C ALA A 72 -17.65 10.55 -22.02
N GLY A 73 -17.53 11.23 -23.15
CA GLY A 73 -16.25 11.65 -23.66
C GLY A 73 -16.06 13.15 -23.50
N LEU A 74 -14.94 13.64 -24.04
CA LEU A 74 -14.69 15.07 -23.97
C LEU A 74 -13.84 15.56 -25.15
N ALA A 75 -12.61 15.07 -25.24
CA ALA A 75 -11.69 15.50 -26.30
C ALA A 75 -11.49 14.35 -27.27
N ARG A 76 -11.48 14.67 -28.56
CA ARG A 76 -11.36 13.68 -29.63
C ARG A 76 -10.41 14.20 -30.69
N TYR A 77 -9.36 13.43 -30.98
CA TYR A 77 -8.36 13.80 -31.95
C TYR A 77 -8.25 12.72 -33.01
N PRO A 78 -8.06 13.10 -34.28
CA PRO A 78 -8.13 12.13 -35.37
C PRO A 78 -6.96 11.15 -35.41
N GLN A 79 -5.72 11.65 -35.29
CA GLN A 79 -4.54 10.79 -35.41
C GLN A 79 -4.41 9.82 -34.23
N PRO A 80 -3.86 8.63 -34.48
CA PRO A 80 -3.54 7.62 -33.45
C PRO A 80 -2.17 7.85 -32.81
N MET A 81 -2.07 8.93 -32.04
CA MET A 81 -0.82 9.34 -31.43
C MET A 81 -1.07 9.67 -29.96
N ALA A 82 0.01 9.97 -29.25
CA ALA A 82 -0.12 10.60 -27.95
C ALA A 82 -1.02 11.83 -28.05
N PRO A 83 -1.87 12.08 -27.05
CA PRO A 83 -2.76 13.25 -27.11
C PRO A 83 -2.06 14.56 -27.43
N ALA A 84 -0.89 14.82 -26.85
CA ALA A 84 -0.20 16.06 -27.16
C ALA A 84 0.06 16.17 -28.65
N ALA A 85 0.56 15.08 -29.25
CA ALA A 85 0.91 15.09 -30.66
C ALA A 85 -0.32 15.11 -31.55
N ALA A 86 -1.34 14.32 -31.20
CA ALA A 86 -2.57 14.28 -31.98
C ALA A 86 -3.25 15.64 -31.98
N ALA A 87 -3.21 16.36 -30.85
CA ALA A 87 -3.75 17.70 -30.81
C ALA A 87 -2.92 18.66 -31.67
N GLU A 88 -1.59 18.56 -31.61
CA GLU A 88 -0.75 19.48 -32.39
C GLU A 88 -0.98 19.28 -33.88
N HIS A 89 -1.26 18.05 -34.29
CA HIS A 89 -1.43 17.73 -35.69
C HIS A 89 -2.81 18.11 -36.19
N ALA A 90 -3.76 18.33 -35.29
CA ALA A 90 -5.10 18.74 -35.66
C ALA A 90 -5.30 20.25 -35.57
N GLY A 91 -4.30 20.98 -35.08
CA GLY A 91 -4.45 22.38 -34.82
C GLY A 91 -5.28 22.69 -33.59
N MET A 92 -5.46 21.71 -32.71
CA MET A 92 -6.33 21.80 -31.55
C MET A 92 -5.48 21.89 -30.27
N ALA A 93 -6.18 22.04 -29.15
CA ALA A 93 -5.55 22.10 -27.84
C ALA A 93 -5.99 20.92 -26.99
N LEU A 94 -5.20 20.64 -25.96
CA LEU A 94 -5.58 19.69 -24.94
C LEU A 94 -6.63 20.28 -24.01
N PRO A 95 -7.48 19.46 -23.40
CA PRO A 95 -8.39 19.99 -22.38
C PRO A 95 -7.56 20.52 -21.22
N ALA A 96 -8.20 21.31 -20.36
CA ALA A 96 -7.52 21.71 -19.15
C ALA A 96 -7.73 20.65 -18.09
N ARG A 97 -6.85 20.66 -17.09
N ARG A 97 -6.86 20.67 -17.08
CA ARG A 97 -6.98 19.73 -15.97
CA ARG A 97 -6.99 19.72 -15.98
C ARG A 97 -8.41 19.75 -15.43
C ARG A 97 -8.40 19.75 -15.39
N ASP A 98 -8.93 20.94 -15.11
CA ASP A 98 -10.22 21.04 -14.43
C ASP A 98 -11.37 20.63 -15.34
N GLN A 99 -11.22 20.78 -16.66
CA GLN A 99 -12.23 20.28 -17.58
C GLN A 99 -12.43 18.77 -17.42
N ILE A 100 -11.34 18.03 -17.21
CA ILE A 100 -11.44 16.59 -17.08
C ILE A 100 -12.07 16.23 -15.75
N VAL A 101 -11.63 16.89 -14.68
CA VAL A 101 -12.19 16.68 -13.35
C VAL A 101 -13.69 17.00 -13.36
N ARG A 102 -14.09 18.08 -14.01
CA ARG A 102 -15.50 18.43 -14.06
C ARG A 102 -16.31 17.31 -14.72
N LEU A 103 -15.84 16.81 -15.86
CA LEU A 103 -16.54 15.74 -16.57
C LEU A 103 -16.75 14.54 -15.67
N ILE A 104 -15.76 14.22 -14.84
CA ILE A 104 -15.88 13.05 -13.98
C ILE A 104 -16.81 13.32 -12.82
N ALA A 105 -16.62 14.46 -12.13
CA ALA A 105 -17.44 14.79 -10.98
C ALA A 105 -18.92 14.89 -11.32
N ASP A 106 -19.26 15.35 -12.53
CA ASP A 106 -20.67 15.42 -12.89
C ASP A 106 -21.29 14.05 -13.07
N LEU A 107 -20.47 13.03 -13.34
CA LEU A 107 -20.97 11.67 -13.42
C LEU A 107 -21.09 11.03 -12.05
N ASP A 108 -20.20 11.41 -11.13
CA ASP A 108 -20.13 10.79 -9.82
C ASP A 108 -21.43 10.97 -9.06
N ARG A 109 -21.82 9.93 -8.32
CA ARG A 109 -23.18 9.84 -7.79
C ARG A 109 -23.28 8.62 -6.88
N PRO A 110 -23.82 8.76 -5.67
CA PRO A 110 -23.90 7.60 -4.76
C PRO A 110 -24.51 6.37 -5.42
N GLY A 111 -23.85 5.23 -5.20
CA GLY A 111 -24.27 3.96 -5.75
C GLY A 111 -23.77 3.69 -7.15
N ARG A 112 -23.15 4.68 -7.80
CA ARG A 112 -22.66 4.54 -9.16
C ARG A 112 -21.16 4.26 -9.14
N LEU A 113 -20.74 3.33 -9.99
CA LEU A 113 -19.34 3.06 -10.24
C LEU A 113 -18.97 3.79 -11.52
N THR A 114 -18.00 4.70 -11.43
CA THR A 114 -17.60 5.53 -12.56
C THR A 114 -16.19 5.15 -12.94
N LEU A 115 -16.06 4.46 -14.08
CA LEU A 115 -14.77 4.07 -14.61
C LEU A 115 -14.23 5.13 -15.55
N VAL A 116 -12.95 5.46 -15.38
CA VAL A 116 -12.32 6.51 -16.17
C VAL A 116 -11.12 5.87 -16.86
N GLU A 117 -11.25 5.63 -18.17
CA GLU A 117 -10.19 5.03 -18.97
C GLU A 117 -9.30 6.11 -19.57
N GLY A 118 -7.98 5.94 -19.45
CA GLY A 118 -7.02 6.93 -19.90
C GLY A 118 -6.63 6.73 -21.37
N ALA A 119 -5.63 7.51 -21.79
CA ALA A 119 -5.04 7.33 -23.12
C ALA A 119 -3.68 6.68 -22.93
N GLY A 120 -3.60 5.38 -23.18
CA GLY A 120 -2.36 4.65 -23.03
C GLY A 120 -2.03 4.39 -21.58
N GLY A 121 -0.74 4.48 -21.23
CA GLY A 121 -0.29 4.22 -19.88
C GLY A 121 -0.36 5.45 -18.98
N LEU A 122 -0.09 5.20 -17.69
CA LEU A 122 -0.53 6.12 -16.63
C LEU A 122 0.06 7.52 -16.80
N LEU A 123 1.27 7.64 -17.35
CA LEU A 123 1.97 8.92 -17.35
C LEU A 123 1.83 9.68 -18.66
N VAL A 124 0.95 9.22 -19.55
CA VAL A 124 0.66 9.96 -20.77
C VAL A 124 0.04 11.31 -20.43
N GLU A 125 0.47 12.35 -21.16
CA GLU A 125 -0.09 13.70 -20.97
C GLU A 125 -1.53 13.77 -21.45
N LEU A 126 -2.44 14.16 -20.56
CA LEU A 126 -3.83 14.30 -20.94
C LEU A 126 -4.26 15.76 -21.08
N ALA A 127 -3.65 16.66 -20.34
CA ALA A 127 -3.99 18.07 -20.37
C ALA A 127 -2.71 18.88 -20.16
N GLU A 128 -2.71 20.09 -20.69
CA GLU A 128 -1.61 21.02 -20.46
C GLU A 128 -1.58 21.46 -19.00
N PRO A 129 -0.40 21.62 -18.40
CA PRO A 129 0.91 21.19 -18.89
C PRO A 129 1.36 19.90 -18.22
N GLY A 130 1.52 18.83 -18.99
CA GLY A 130 1.97 17.57 -18.42
C GLY A 130 1.05 17.02 -17.36
N VAL A 131 -0.24 17.28 -17.47
CA VAL A 131 -1.23 16.71 -16.55
C VAL A 131 -1.52 15.29 -16.99
N THR A 132 -1.45 14.35 -16.05
CA THR A 132 -1.70 12.95 -16.35
C THR A 132 -2.95 12.45 -15.65
N LEU A 133 -3.29 11.20 -15.99
CA LEU A 133 -4.37 10.52 -15.30
C LEU A 133 -4.05 10.34 -13.82
N ARG A 134 -2.77 10.34 -13.45
CA ARG A 134 -2.42 10.32 -12.03
C ARG A 134 -2.88 11.61 -11.34
N ASP A 135 -2.60 12.75 -11.95
CA ASP A 135 -3.10 14.02 -11.41
C ASP A 135 -4.62 14.02 -11.34
N VAL A 136 -5.28 13.56 -12.41
CA VAL A 136 -6.74 13.51 -12.39
C VAL A 136 -7.22 12.63 -11.25
N ALA A 137 -6.52 11.52 -11.01
CA ALA A 137 -6.91 10.61 -9.93
C ALA A 137 -6.81 11.31 -8.58
N VAL A 138 -5.78 12.12 -8.38
CA VAL A 138 -5.60 12.82 -7.11
C VAL A 138 -6.75 13.81 -6.91
N ASP A 139 -7.15 14.48 -7.99
CA ASP A 139 -8.17 15.52 -7.89
C ASP A 139 -9.52 14.96 -7.46
N VAL A 140 -9.91 13.81 -7.99
CA VAL A 140 -11.21 13.20 -7.69
C VAL A 140 -11.12 12.14 -6.61
N ALA A 141 -9.98 12.04 -5.91
CA ALA A 141 -9.79 11.05 -4.86
C ALA A 141 -10.04 9.62 -5.32
N ALA A 142 -9.68 9.30 -6.57
CA ALA A 142 -9.98 7.98 -7.10
C ALA A 142 -8.85 7.00 -6.81
N ALA A 143 -9.17 5.71 -6.84
CA ALA A 143 -8.19 4.63 -6.90
C ALA A 143 -7.92 4.24 -8.36
N ALA A 144 -6.76 3.64 -8.59
CA ALA A 144 -6.33 3.21 -9.93
C ALA A 144 -6.33 1.70 -10.02
N LEU A 145 -7.04 1.18 -11.03
CA LEU A 145 -6.96 -0.22 -11.41
C LEU A 145 -6.01 -0.34 -12.60
N VAL A 146 -4.94 -1.12 -12.45
CA VAL A 146 -3.86 -1.20 -13.43
C VAL A 146 -4.02 -2.46 -14.28
N VAL A 147 -4.23 -2.28 -15.58
CA VAL A 147 -4.30 -3.39 -16.52
C VAL A 147 -2.89 -3.71 -16.98
N VAL A 148 -2.53 -5.00 -16.93
CA VAL A 148 -1.18 -5.46 -17.26
C VAL A 148 -1.27 -6.56 -18.30
N THR A 149 -0.13 -6.85 -18.94
CA THR A 149 -0.03 -8.03 -19.81
C THR A 149 0.55 -9.20 -19.03
N ALA A 150 0.53 -10.36 -19.68
CA ALA A 150 1.16 -11.57 -19.19
C ALA A 150 2.49 -11.83 -19.90
N ASP A 151 2.91 -10.89 -20.73
CA ASP A 151 4.05 -11.07 -21.60
C ASP A 151 5.33 -10.66 -20.90
N LEU A 152 6.44 -11.08 -21.49
CA LEU A 152 7.76 -10.75 -21.01
C LEU A 152 7.91 -9.23 -20.93
N GLY A 153 8.39 -8.74 -19.79
CA GLY A 153 8.46 -7.32 -19.51
C GLY A 153 7.40 -6.82 -18.56
N THR A 154 6.36 -7.62 -18.25
CA THR A 154 5.23 -7.06 -17.52
C THR A 154 5.57 -6.76 -16.07
N LEU A 155 6.53 -7.48 -15.48
CA LEU A 155 6.87 -7.27 -14.06
C LEU A 155 7.46 -5.89 -13.84
N ASN A 156 8.43 -5.51 -14.68
CA ASN A 156 9.05 -4.19 -14.59
C ASN A 156 8.05 -3.08 -14.84
N HIS A 157 7.31 -3.17 -15.95
CA HIS A 157 6.32 -2.14 -16.27
C HIS A 157 5.31 -1.98 -15.14
N THR A 158 4.79 -3.10 -14.62
CA THR A 158 3.87 -3.04 -13.50
C THR A 158 4.48 -2.34 -12.30
N LYS A 159 5.70 -2.74 -11.91
CA LYS A 159 6.30 -2.13 -10.72
C LYS A 159 6.51 -0.64 -10.92
N LEU A 160 6.99 -0.24 -12.10
CA LEU A 160 7.14 1.19 -12.41
C LEU A 160 5.84 1.94 -12.25
N THR A 161 4.75 1.36 -12.75
CA THR A 161 3.44 2.01 -12.71
C THR A 161 2.95 2.14 -11.27
N LEU A 162 3.02 1.06 -10.49
CA LEU A 162 2.63 1.09 -9.09
C LEU A 162 3.45 2.11 -8.31
N GLU A 163 4.75 2.18 -8.61
CA GLU A 163 5.60 3.13 -7.89
C GLU A 163 5.16 4.54 -8.20
N ALA A 164 4.90 4.82 -9.48
CA ALA A 164 4.41 6.15 -9.88
C ALA A 164 3.06 6.44 -9.24
N LEU A 165 2.22 5.43 -9.00
CA LEU A 165 0.97 5.68 -8.29
C LEU A 165 1.21 6.07 -6.83
N ALA A 166 2.12 5.36 -6.16
CA ALA A 166 2.36 5.65 -4.76
C ALA A 166 3.09 6.97 -4.56
N ALA A 167 3.81 7.46 -5.58
CA ALA A 167 4.47 8.76 -5.45
C ALA A 167 3.49 9.89 -5.13
N GLN A 168 2.24 9.77 -5.57
CA GLN A 168 1.22 10.77 -5.31
C GLN A 168 0.09 10.22 -4.46
N GLN A 169 0.34 9.13 -3.73
N GLN A 169 0.35 9.14 -3.74
CA GLN A 169 -0.64 8.54 -2.81
CA GLN A 169 -0.61 8.50 -2.84
C GLN A 169 -1.94 8.13 -3.50
C GLN A 169 -1.94 8.23 -3.53
N VAL A 170 -1.88 7.73 -4.77
CA VAL A 170 -3.07 7.22 -5.46
C VAL A 170 -3.11 5.72 -5.20
N SER A 171 -4.20 5.25 -4.60
CA SER A 171 -4.27 3.87 -4.17
C SER A 171 -4.48 2.94 -5.37
N CYS A 172 -3.84 1.79 -5.30
CA CYS A 172 -3.99 0.76 -6.30
C CYS A 172 -5.14 -0.18 -5.91
N ALA A 173 -6.17 -0.24 -6.75
CA ALA A 173 -7.29 -1.13 -6.50
C ALA A 173 -7.02 -2.58 -6.92
N GLY A 174 -5.86 -2.87 -7.51
CA GLY A 174 -5.49 -4.20 -7.96
C GLY A 174 -5.06 -4.20 -9.42
N LEU A 175 -4.64 -5.37 -9.88
CA LEU A 175 -4.26 -5.52 -11.27
C LEU A 175 -5.31 -6.34 -12.01
N VAL A 176 -5.36 -6.16 -13.31
CA VAL A 176 -6.13 -7.04 -14.18
C VAL A 176 -5.24 -7.39 -15.36
N ILE A 177 -5.02 -8.69 -15.57
CA ILE A 177 -4.33 -9.13 -16.78
C ILE A 177 -5.32 -8.99 -17.93
N GLY A 178 -5.06 -8.02 -18.82
CA GLY A 178 -6.01 -7.72 -19.88
C GLY A 178 -6.29 -8.90 -20.81
N SER A 179 -5.24 -9.62 -21.21
CA SER A 179 -5.39 -10.72 -22.17
C SER A 179 -4.66 -11.95 -21.65
N TRP A 180 -5.40 -13.01 -21.40
CA TRP A 180 -4.79 -14.18 -20.81
C TRP A 180 -4.83 -15.32 -21.81
N PRO A 181 -3.67 -15.78 -22.30
CA PRO A 181 -3.67 -16.78 -23.38
C PRO A 181 -4.04 -18.16 -22.84
N ASP A 182 -4.70 -18.93 -23.71
CA ASP A 182 -5.13 -20.29 -23.39
C ASP A 182 -4.66 -21.23 -24.51
N PRO A 183 -3.70 -22.12 -24.24
CA PRO A 183 -3.07 -22.26 -22.92
C PRO A 183 -1.93 -21.25 -22.62
N PRO A 184 -1.66 -21.06 -21.33
CA PRO A 184 -0.55 -20.20 -20.92
C PRO A 184 0.78 -20.91 -20.96
N GLY A 185 1.76 -20.28 -21.60
CA GLY A 185 3.10 -20.82 -21.63
C GLY A 185 3.83 -20.60 -20.31
N LEU A 186 5.11 -20.98 -20.33
CA LEU A 186 5.92 -20.92 -19.12
C LEU A 186 6.08 -19.49 -18.62
N VAL A 187 6.28 -18.55 -19.53
CA VAL A 187 6.48 -17.16 -19.16
C VAL A 187 5.18 -16.56 -18.64
N ALA A 188 4.07 -16.82 -19.33
CA ALA A 188 2.79 -16.30 -18.86
C ALA A 188 2.45 -16.84 -17.48
N ALA A 189 2.52 -18.17 -17.32
CA ALA A 189 2.21 -18.79 -16.04
C ALA A 189 3.07 -18.20 -14.93
N SER A 190 4.38 -18.07 -15.18
CA SER A 190 5.25 -17.52 -14.15
C SER A 190 4.88 -16.09 -13.83
N ASN A 191 4.67 -15.25 -14.85
CA ASN A 191 4.35 -13.85 -14.61
C ASN A 191 3.06 -13.71 -13.82
N ARG A 192 2.05 -14.54 -14.12
CA ARG A 192 0.83 -14.43 -13.34
C ARG A 192 1.09 -14.68 -11.86
N SER A 193 1.94 -15.64 -11.55
N SER A 193 1.99 -15.60 -11.55
CA SER A 193 2.27 -15.90 -10.16
CA SER A 193 2.27 -15.94 -10.16
C SER A 193 2.99 -14.72 -9.53
C SER A 193 3.26 -14.98 -9.49
N ALA A 194 3.96 -14.13 -10.25
CA ALA A 194 4.76 -13.05 -9.70
C ALA A 194 3.96 -11.76 -9.54
N LEU A 195 3.14 -11.40 -10.55
CA LEU A 195 2.24 -10.26 -10.41
C LEU A 195 1.35 -10.39 -9.17
N ALA A 196 0.90 -11.62 -8.86
CA ALA A 196 0.09 -11.81 -7.66
C ALA A 196 0.87 -11.48 -6.38
N ARG A 197 2.21 -11.45 -6.44
CA ARG A 197 2.98 -11.12 -5.24
C ARG A 197 3.17 -9.62 -5.10
N ILE A 198 2.92 -8.90 -6.19
CA ILE A 198 3.07 -7.46 -6.18
C ILE A 198 1.78 -6.77 -5.79
N ALA A 199 0.64 -7.36 -6.15
CA ALA A 199 -0.64 -6.72 -5.89
C ALA A 199 -1.74 -7.75 -6.06
N MET A 200 -2.91 -7.43 -5.51
CA MET A 200 -4.08 -8.27 -5.73
C MET A 200 -4.38 -8.33 -7.23
N VAL A 201 -4.40 -9.55 -7.79
CA VAL A 201 -4.81 -9.73 -9.18
C VAL A 201 -6.31 -9.98 -9.18
N ARG A 202 -7.07 -9.04 -9.77
CA ARG A 202 -8.52 -9.06 -9.64
C ARG A 202 -9.17 -9.93 -10.69
N ALA A 203 -8.55 -10.02 -11.86
CA ALA A 203 -9.11 -10.87 -12.91
C ALA A 203 -8.05 -11.08 -13.98
N ALA A 204 -8.29 -12.07 -14.81
CA ALA A 204 -7.42 -12.41 -15.93
C ALA A 204 -8.34 -12.70 -17.11
N LEU A 205 -8.52 -11.70 -17.96
CA LEU A 205 -9.54 -11.78 -19.02
C LEU A 205 -9.05 -12.69 -20.14
N PRO A 206 -9.86 -13.66 -20.59
CA PRO A 206 -9.41 -14.55 -21.67
C PRO A 206 -9.15 -13.81 -22.96
N ALA A 207 -8.10 -14.26 -23.65
CA ALA A 207 -7.70 -13.64 -24.90
C ALA A 207 -8.82 -13.71 -25.92
N GLY A 208 -8.93 -12.65 -26.73
CA GLY A 208 -9.99 -12.58 -27.73
C GLY A 208 -11.37 -12.24 -27.20
N ALA A 209 -11.48 -11.75 -25.95
CA ALA A 209 -12.81 -11.54 -25.36
C ALA A 209 -13.67 -10.59 -26.19
N ALA A 210 -13.06 -9.67 -26.94
CA ALA A 210 -13.85 -8.73 -27.74
C ALA A 210 -14.67 -9.43 -28.82
N SER A 211 -14.36 -10.70 -29.13
N SER A 211 -14.37 -10.70 -29.14
CA SER A 211 -15.13 -11.50 -30.08
CA SER A 211 -15.15 -11.49 -30.08
C SER A 211 -16.23 -12.32 -29.41
C SER A 211 -16.31 -12.23 -29.44
N LEU A 212 -16.48 -12.11 -28.13
CA LEU A 212 -17.61 -12.73 -27.47
C LEU A 212 -18.86 -11.85 -27.64
N ASP A 213 -20.00 -12.49 -27.90
CA ASP A 213 -21.22 -11.72 -28.06
C ASP A 213 -21.79 -11.36 -26.70
N ALA A 214 -22.91 -10.63 -26.72
CA ALA A 214 -23.45 -10.01 -25.51
C ALA A 214 -23.51 -10.98 -24.34
N GLY A 215 -24.16 -12.13 -24.53
CA GLY A 215 -24.31 -13.07 -23.45
C GLY A 215 -23.01 -13.74 -23.03
N ASP A 216 -22.16 -14.08 -24.01
CA ASP A 216 -20.90 -14.74 -23.69
C ASP A 216 -19.96 -13.80 -22.95
N PHE A 217 -19.86 -12.56 -23.42
CA PHE A 217 -19.06 -11.55 -22.76
C PHE A 217 -19.58 -11.26 -21.37
N ALA A 218 -20.91 -11.32 -21.18
CA ALA A 218 -21.47 -11.10 -19.86
C ALA A 218 -21.19 -12.28 -18.96
N ALA A 219 -21.26 -13.49 -19.52
CA ALA A 219 -20.88 -14.69 -18.77
C ALA A 219 -19.42 -14.62 -18.35
N MET A 220 -18.53 -14.37 -19.32
CA MET A 220 -17.11 -14.22 -19.02
C MET A 220 -16.88 -13.14 -17.98
N SER A 221 -17.67 -12.06 -18.04
CA SER A 221 -17.42 -10.94 -17.15
C SER A 221 -17.74 -11.28 -15.70
N ALA A 222 -18.86 -11.97 -15.46
CA ALA A 222 -19.24 -12.32 -14.10
C ALA A 222 -18.26 -13.32 -13.50
N ALA A 223 -17.86 -14.33 -14.28
CA ALA A 223 -16.88 -15.29 -13.80
C ALA A 223 -15.51 -14.67 -13.60
N ALA A 224 -15.14 -13.67 -14.42
CA ALA A 224 -13.78 -13.11 -14.35
C ALA A 224 -13.45 -12.57 -12.95
N PHE A 225 -14.35 -11.78 -12.36
CA PHE A 225 -14.07 -11.13 -11.08
C PHE A 225 -14.71 -11.87 -9.90
N ASP A 226 -14.06 -11.73 -8.73
CA ASP A 226 -14.66 -12.11 -7.46
C ASP A 226 -15.92 -11.28 -7.23
N ARG A 227 -17.03 -11.96 -6.95
CA ARG A 227 -18.29 -11.25 -6.71
C ARG A 227 -18.19 -10.31 -5.52
N ASN A 228 -17.55 -10.76 -4.44
CA ASN A 228 -17.48 -9.93 -3.23
C ASN A 228 -16.64 -8.68 -3.47
N TRP A 229 -15.60 -8.79 -4.30
CA TRP A 229 -14.78 -7.61 -4.57
C TRP A 229 -15.55 -6.59 -5.40
N VAL A 230 -16.28 -7.05 -6.42
CA VAL A 230 -17.07 -6.13 -7.23
C VAL A 230 -18.13 -5.45 -6.36
N ALA A 231 -18.88 -6.23 -5.57
CA ALA A 231 -19.93 -5.65 -4.73
C ALA A 231 -19.36 -4.67 -3.70
N GLY A 232 -18.21 -4.98 -3.11
CA GLY A 232 -17.56 -4.07 -2.17
C GLY A 232 -17.02 -2.78 -2.77
N LEU A 233 -17.12 -2.61 -4.09
CA LEU A 233 -16.60 -1.38 -4.71
C LEU A 233 -17.48 -0.17 -4.44
N VAL A 234 -18.78 -0.38 -4.28
CA VAL A 234 -19.77 0.68 -4.11
C VAL A 234 -20.73 0.26 -3.00
N GLY A 235 -20.88 1.11 -1.98
CA GLY A 235 -21.78 0.82 -0.87
C GLY A 235 -23.18 1.40 -1.01
N GLY B 9 38.98 5.71 -9.19
CA GLY B 9 37.89 5.27 -10.04
C GLY B 9 37.71 6.05 -11.32
N GLY B 10 36.82 5.58 -12.21
CA GLY B 10 36.55 6.22 -13.49
C GLY B 10 35.10 6.63 -13.65
N THR B 11 34.49 6.34 -14.80
CA THR B 11 33.05 6.55 -14.98
C THR B 11 32.37 5.19 -15.14
N ILE B 12 31.46 4.89 -14.22
CA ILE B 12 30.55 3.74 -14.34
C ILE B 12 29.22 4.27 -14.85
N LEU B 13 28.74 3.71 -15.96
CA LEU B 13 27.40 3.97 -16.47
C LEU B 13 26.61 2.68 -16.48
N VAL B 14 25.41 2.68 -15.88
CA VAL B 14 24.51 1.54 -16.08
C VAL B 14 23.64 1.81 -17.30
N VAL B 15 23.44 0.77 -18.08
CA VAL B 15 22.68 0.85 -19.32
C VAL B 15 21.40 0.05 -19.10
N THR B 16 20.29 0.75 -18.95
CA THR B 16 18.99 0.14 -18.73
C THR B 16 18.12 0.43 -19.95
N GLY B 17 16.90 -0.11 -19.95
CA GLY B 17 15.96 0.17 -21.00
C GLY B 17 14.55 0.32 -20.47
N THR B 18 13.69 0.95 -21.28
CA THR B 18 12.28 1.11 -20.92
C THR B 18 11.52 -0.19 -20.96
N GLY B 19 12.05 -1.22 -21.61
CA GLY B 19 11.41 -2.53 -21.61
C GLY B 19 12.36 -3.58 -22.15
N THR B 20 11.82 -4.75 -22.44
CA THR B 20 12.62 -5.79 -23.07
C THR B 20 12.54 -5.67 -24.58
N GLY B 21 13.65 -5.98 -25.23
CA GLY B 21 13.71 -5.89 -26.68
C GLY B 21 13.92 -4.50 -27.23
N VAL B 22 14.46 -3.58 -26.43
CA VAL B 22 14.70 -2.23 -26.92
C VAL B 22 16.10 -2.07 -27.51
N GLY B 23 16.92 -3.12 -27.48
CA GLY B 23 18.27 -3.03 -28.01
C GLY B 23 19.30 -2.48 -27.07
N LYS B 24 19.30 -2.89 -25.79
CA LYS B 24 20.33 -2.42 -24.86
C LYS B 24 21.72 -2.85 -25.31
N THR B 25 21.84 -4.10 -25.80
CA THR B 25 23.16 -4.62 -26.11
C THR B 25 23.79 -3.86 -27.27
N VAL B 26 23.01 -3.56 -28.32
CA VAL B 26 23.56 -2.81 -29.43
C VAL B 26 23.94 -1.40 -28.98
N VAL B 27 23.21 -0.82 -28.03
CA VAL B 27 23.58 0.49 -27.52
C VAL B 27 24.87 0.40 -26.70
N CYS B 28 24.98 -0.61 -25.82
CA CYS B 28 26.24 -0.82 -25.11
C CYS B 28 27.41 -0.91 -26.09
N ALA B 29 27.27 -1.76 -27.12
CA ALA B 29 28.33 -1.94 -28.12
C ALA B 29 28.63 -0.62 -28.84
N ALA B 30 27.59 0.08 -29.27
CA ALA B 30 27.79 1.34 -29.98
C ALA B 30 28.49 2.36 -29.09
N LEU B 31 28.01 2.56 -27.85
CA LEU B 31 28.68 3.48 -26.95
C LEU B 31 30.12 3.04 -26.70
N ALA B 32 30.32 1.73 -26.53
CA ALA B 32 31.68 1.20 -26.36
C ALA B 32 32.56 1.58 -27.54
N SER B 33 32.12 1.25 -28.77
CA SER B 33 32.91 1.55 -29.97
C SER B 33 33.25 3.04 -30.07
N ALA B 34 32.28 3.92 -29.79
CA ALA B 34 32.55 5.35 -29.86
C ALA B 34 33.65 5.75 -28.88
N ALA B 35 33.51 5.32 -27.62
CA ALA B 35 34.46 5.73 -26.58
C ALA B 35 35.88 5.25 -26.91
N ARG B 36 36.01 4.03 -27.43
CA ARG B 36 37.32 3.54 -27.85
C ARG B 36 37.89 4.36 -29.01
N GLN B 37 37.05 4.82 -29.94
CA GLN B 37 37.57 5.63 -31.04
C GLN B 37 38.01 7.01 -30.57
N ALA B 38 37.46 7.50 -29.46
CA ALA B 38 38.04 8.64 -28.76
C ALA B 38 39.21 8.23 -27.88
N GLY B 39 39.66 6.99 -27.98
CA GLY B 39 40.78 6.50 -27.20
C GLY B 39 40.49 6.28 -25.74
N ILE B 40 39.26 6.06 -25.38
CA ILE B 40 38.90 5.75 -24.00
C ILE B 40 38.89 4.23 -23.85
N ASP B 41 39.25 3.76 -22.67
CA ASP B 41 39.23 2.33 -22.38
C ASP B 41 37.84 1.95 -21.86
N VAL B 42 37.26 0.88 -22.41
CA VAL B 42 35.88 0.50 -22.09
C VAL B 42 35.87 -0.90 -21.49
N ALA B 43 35.03 -1.10 -20.47
CA ALA B 43 34.66 -2.41 -19.98
C ALA B 43 33.13 -2.52 -20.03
N VAL B 44 32.63 -3.73 -20.25
CA VAL B 44 31.20 -3.97 -20.21
C VAL B 44 30.95 -5.12 -19.26
N CYS B 45 30.06 -4.90 -18.32
CA CYS B 45 29.64 -5.94 -17.39
C CYS B 45 28.18 -6.25 -17.65
N LYS B 46 27.88 -7.53 -17.88
CA LYS B 46 26.51 -8.00 -17.91
C LYS B 46 26.40 -8.97 -16.75
N PRO B 47 26.01 -8.51 -15.56
CA PRO B 47 26.00 -9.40 -14.39
C PRO B 47 25.25 -10.69 -14.61
N VAL B 48 24.04 -10.60 -15.17
CA VAL B 48 23.16 -11.74 -15.36
C VAL B 48 22.70 -11.77 -16.79
N GLN B 49 22.88 -12.92 -17.46
CA GLN B 49 22.39 -13.17 -18.81
C GLN B 49 21.43 -14.36 -18.80
N THR B 50 20.24 -14.18 -19.39
CA THR B 50 19.28 -15.29 -19.54
C THR B 50 19.12 -15.67 -21.01
N GLY B 51 18.36 -16.74 -21.23
CA GLY B 51 18.10 -17.23 -22.58
C GLY B 51 19.26 -17.91 -23.26
N THR B 52 20.20 -18.46 -22.50
CA THR B 52 21.46 -18.95 -23.07
C THR B 52 21.27 -20.23 -23.88
N ALA B 53 20.23 -21.01 -23.58
CA ALA B 53 20.00 -22.25 -24.33
C ALA B 53 19.82 -21.97 -25.81
N ARG B 54 19.08 -20.92 -26.15
CA ARG B 54 18.95 -20.52 -27.55
C ARG B 54 20.10 -19.62 -28.02
N GLY B 55 21.19 -19.56 -27.27
CA GLY B 55 22.38 -18.84 -27.70
C GLY B 55 22.41 -17.35 -27.42
N ASP B 56 21.53 -16.85 -26.56
CA ASP B 56 21.67 -15.47 -26.09
C ASP B 56 22.99 -15.30 -25.34
N ASP B 57 23.77 -14.29 -25.75
CA ASP B 57 25.07 -14.03 -25.14
C ASP B 57 25.45 -12.61 -25.56
N ASP B 58 25.00 -11.63 -24.77
CA ASP B 58 25.11 -10.23 -25.16
C ASP B 58 26.52 -9.70 -25.02
N LEU B 59 27.37 -10.34 -24.20
CA LEU B 59 28.75 -9.88 -24.10
C LEU B 59 29.54 -10.26 -25.36
N ALA B 60 29.24 -11.43 -25.95
CA ALA B 60 29.92 -11.77 -27.20
C ALA B 60 29.59 -10.75 -28.30
N GLU B 61 28.34 -10.30 -28.37
CA GLU B 61 27.99 -9.29 -29.35
C GLU B 61 28.78 -8.01 -29.13
N VAL B 62 28.96 -7.61 -27.86
CA VAL B 62 29.75 -6.42 -27.57
C VAL B 62 31.20 -6.63 -27.99
N GLY B 63 31.75 -7.82 -27.76
CA GLY B 63 33.10 -8.08 -28.21
C GLY B 63 33.24 -7.96 -29.72
N ARG B 64 32.33 -8.61 -30.45
CA ARG B 64 32.39 -8.61 -31.92
C ARG B 64 32.20 -7.21 -32.49
N LEU B 65 31.15 -6.51 -32.06
CA LEU B 65 30.79 -5.23 -32.67
C LEU B 65 31.80 -4.14 -32.30
N ALA B 66 32.23 -4.11 -31.03
CA ALA B 66 33.07 -3.04 -30.54
C ALA B 66 34.50 -3.44 -30.22
N GLY B 67 34.82 -4.74 -30.21
CA GLY B 67 36.17 -5.13 -29.86
C GLY B 67 36.53 -4.95 -28.39
N VAL B 68 35.54 -4.73 -27.53
CA VAL B 68 35.79 -4.74 -26.09
C VAL B 68 36.28 -6.13 -25.68
N THR B 69 37.31 -6.16 -24.82
CA THR B 69 37.81 -7.42 -24.28
C THR B 69 37.55 -7.60 -22.79
N GLN B 70 37.46 -6.53 -22.01
CA GLN B 70 37.09 -6.67 -20.61
C GLN B 70 35.58 -6.82 -20.55
N LEU B 71 35.13 -8.08 -20.56
CA LEU B 71 33.73 -8.44 -20.65
C LEU B 71 33.42 -9.37 -19.49
N ALA B 72 32.55 -8.92 -18.58
CA ALA B 72 32.41 -9.52 -17.26
C ALA B 72 30.97 -9.97 -17.01
N GLY B 73 30.82 -11.21 -16.54
CA GLY B 73 29.51 -11.75 -16.23
C GLY B 73 29.61 -12.70 -15.06
N LEU B 74 28.47 -12.94 -14.39
CA LEU B 74 28.44 -13.75 -13.19
C LEU B 74 27.51 -14.96 -13.26
N ALA B 75 26.52 -14.95 -14.14
CA ALA B 75 25.52 -16.01 -14.16
C ALA B 75 24.86 -16.03 -15.53
N ARG B 76 24.49 -17.24 -15.96
CA ARG B 76 23.90 -17.49 -17.26
C ARG B 76 22.76 -18.48 -17.07
N TYR B 77 21.53 -18.08 -17.40
CA TYR B 77 20.45 -19.04 -17.20
C TYR B 77 19.87 -19.46 -18.54
N PRO B 78 19.69 -20.77 -18.78
CA PRO B 78 19.24 -21.20 -20.11
C PRO B 78 17.90 -20.62 -20.55
N GLN B 79 16.91 -20.57 -19.66
CA GLN B 79 15.56 -20.16 -20.05
C GLN B 79 15.52 -18.68 -20.43
N PRO B 80 14.80 -18.34 -21.49
CA PRO B 80 14.63 -16.95 -21.92
C PRO B 80 13.59 -16.17 -21.10
N MET B 81 13.69 -16.24 -19.80
CA MET B 81 12.73 -15.57 -18.93
C MET B 81 13.42 -14.45 -18.18
N ALA B 82 12.64 -13.70 -17.40
CA ALA B 82 13.24 -12.75 -16.47
C ALA B 82 14.11 -13.52 -15.49
N PRO B 83 15.24 -12.95 -15.06
CA PRO B 83 16.24 -13.74 -14.33
C PRO B 83 15.68 -14.58 -13.17
N ALA B 84 14.85 -13.99 -12.31
CA ALA B 84 14.34 -14.74 -11.16
C ALA B 84 13.49 -15.92 -11.61
N ALA B 85 12.73 -15.76 -12.70
CA ALA B 85 12.04 -16.90 -13.29
C ALA B 85 13.02 -17.93 -13.83
N ALA B 86 14.03 -17.46 -14.57
CA ALA B 86 15.03 -18.37 -15.11
C ALA B 86 15.75 -19.11 -14.00
N ALA B 87 16.07 -18.42 -12.90
CA ALA B 87 16.68 -19.06 -11.75
C ALA B 87 15.77 -20.14 -11.16
N GLU B 88 14.50 -19.80 -10.91
CA GLU B 88 13.55 -20.76 -10.36
C GLU B 88 13.40 -21.99 -11.26
N HIS B 89 13.30 -21.78 -12.57
CA HIS B 89 13.18 -22.91 -13.48
C HIS B 89 14.39 -23.83 -13.39
N ALA B 90 15.59 -23.25 -13.32
CA ALA B 90 16.82 -24.04 -13.28
C ALA B 90 17.10 -24.63 -11.91
N GLY B 91 16.47 -24.12 -10.86
CA GLY B 91 16.67 -24.63 -9.52
C GLY B 91 17.84 -24.02 -8.77
N MET B 92 18.18 -22.78 -9.07
CA MET B 92 19.37 -22.18 -8.50
C MET B 92 19.10 -20.71 -8.22
N ALA B 93 19.70 -20.19 -7.16
CA ALA B 93 19.53 -18.81 -6.79
C ALA B 93 20.08 -17.88 -7.86
N LEU B 94 19.72 -16.60 -7.74
CA LEU B 94 20.42 -15.55 -8.44
C LEU B 94 21.73 -15.33 -7.69
N PRO B 95 22.69 -14.61 -8.29
CA PRO B 95 23.88 -14.18 -7.53
C PRO B 95 23.48 -13.31 -6.34
N ALA B 96 24.44 -13.11 -5.46
CA ALA B 96 24.24 -12.23 -4.33
C ALA B 96 24.53 -10.79 -4.75
N ARG B 97 23.86 -9.85 -4.09
CA ARG B 97 24.07 -8.43 -4.34
C ARG B 97 25.55 -8.07 -4.34
N ASP B 98 26.30 -8.55 -3.32
CA ASP B 98 27.71 -8.21 -3.18
C ASP B 98 28.52 -8.58 -4.41
N GLN B 99 28.23 -9.74 -5.01
CA GLN B 99 28.99 -10.17 -6.19
C GLN B 99 28.90 -9.15 -7.30
N ILE B 100 27.69 -8.66 -7.54
CA ILE B 100 27.44 -7.71 -8.62
C ILE B 100 28.17 -6.41 -8.34
N VAL B 101 27.92 -5.83 -7.16
CA VAL B 101 28.44 -4.49 -6.90
C VAL B 101 29.95 -4.52 -6.84
N ARG B 102 30.55 -5.63 -6.39
CA ARG B 102 32.00 -5.66 -6.28
C ARG B 102 32.67 -6.01 -7.61
N LEU B 103 32.06 -6.88 -8.42
CA LEU B 103 32.57 -7.08 -9.77
C LEU B 103 32.62 -5.77 -10.54
N ILE B 104 31.60 -4.94 -10.36
CA ILE B 104 31.52 -3.67 -11.07
C ILE B 104 32.54 -2.68 -10.52
N ALA B 105 32.56 -2.51 -9.19
CA ALA B 105 33.55 -1.64 -8.58
C ALA B 105 34.98 -2.09 -8.82
N ASP B 106 35.20 -3.38 -9.12
CA ASP B 106 36.54 -3.88 -9.43
C ASP B 106 36.93 -3.64 -10.88
N LEU B 107 35.95 -3.65 -11.80
CA LEU B 107 36.19 -3.20 -13.16
C LEU B 107 36.53 -1.72 -13.22
N ASP B 108 35.91 -0.92 -12.35
CA ASP B 108 36.05 0.53 -12.43
C ASP B 108 37.49 0.93 -12.10
N ARG B 109 38.04 1.85 -12.89
CA ARG B 109 39.39 2.32 -12.73
C ARG B 109 39.54 3.64 -13.47
N PRO B 110 40.53 4.45 -13.11
CA PRO B 110 40.68 5.77 -13.77
C PRO B 110 40.96 5.62 -15.26
N GLY B 111 40.31 6.46 -16.04
CA GLY B 111 40.43 6.41 -17.48
C GLY B 111 39.47 5.47 -18.18
N ARG B 112 38.75 4.64 -17.45
CA ARG B 112 37.90 3.61 -18.04
C ARG B 112 36.44 4.00 -17.94
N LEU B 113 35.71 3.78 -19.03
CA LEU B 113 34.26 3.79 -19.01
C LEU B 113 33.79 2.37 -18.77
N THR B 114 33.08 2.15 -17.67
CA THR B 114 32.55 0.82 -17.35
C THR B 114 31.04 0.87 -17.53
N LEU B 115 30.56 0.16 -18.55
CA LEU B 115 29.13 0.06 -18.82
C LEU B 115 28.60 -1.18 -18.12
N VAL B 116 27.45 -1.04 -17.47
CA VAL B 116 26.78 -2.16 -16.84
C VAL B 116 25.44 -2.33 -17.53
N GLU B 117 25.28 -3.46 -18.23
CA GLU B 117 24.06 -3.77 -18.96
C GLU B 117 23.20 -4.65 -18.06
N GLY B 118 21.96 -4.21 -17.80
CA GLY B 118 21.02 -4.99 -17.02
C GLY B 118 20.35 -6.09 -17.83
N ALA B 119 19.30 -6.64 -17.24
CA ALA B 119 18.37 -7.52 -17.95
C ALA B 119 16.99 -6.87 -17.92
N GLY B 120 16.34 -6.82 -19.08
CA GLY B 120 15.05 -6.15 -19.16
C GLY B 120 15.10 -4.72 -18.64
N GLY B 121 14.03 -4.30 -17.99
CA GLY B 121 13.93 -2.96 -17.48
C GLY B 121 14.64 -2.74 -16.15
N LEU B 122 14.37 -1.57 -15.58
CA LEU B 122 15.12 -1.03 -14.46
C LEU B 122 14.81 -1.75 -13.17
N LEU B 123 13.57 -2.19 -12.98
CA LEU B 123 13.15 -2.80 -11.73
C LEU B 123 13.17 -4.32 -11.76
N VAL B 124 13.69 -4.95 -12.82
CA VAL B 124 13.69 -6.41 -12.80
C VAL B 124 14.72 -6.89 -11.79
N GLU B 125 14.46 -8.07 -11.24
CA GLU B 125 15.28 -8.59 -10.17
C GLU B 125 16.56 -9.16 -10.74
N LEU B 126 17.69 -8.73 -10.18
CA LEU B 126 19.01 -9.08 -10.67
C LEU B 126 19.81 -9.92 -9.69
N ALA B 127 19.51 -9.85 -8.40
CA ALA B 127 20.20 -10.61 -7.36
C ALA B 127 19.26 -10.82 -6.18
N GLU B 128 19.57 -11.83 -5.38
CA GLU B 128 18.85 -12.05 -4.13
C GLU B 128 19.24 -10.97 -3.11
N PRO B 129 18.29 -10.46 -2.31
CA PRO B 129 16.84 -10.69 -2.38
C PRO B 129 16.12 -9.51 -3.04
N GLY B 130 15.76 -9.69 -4.31
CA GLY B 130 14.99 -8.68 -5.00
C GLY B 130 15.71 -7.38 -5.27
N VAL B 131 17.03 -7.40 -5.50
CA VAL B 131 17.78 -6.18 -5.75
C VAL B 131 17.86 -5.92 -7.26
N THR B 132 17.71 -4.66 -7.64
CA THR B 132 17.54 -4.25 -9.03
C THR B 132 18.79 -3.55 -9.53
N LEU B 133 18.85 -3.37 -10.86
CA LEU B 133 19.87 -2.52 -11.43
C LEU B 133 19.86 -1.14 -10.78
N ARG B 134 18.67 -0.67 -10.37
CA ARG B 134 18.58 0.62 -9.69
C ARG B 134 19.32 0.61 -8.36
N ASP B 135 19.09 -0.42 -7.53
CA ASP B 135 19.89 -0.58 -6.33
C ASP B 135 21.39 -0.62 -6.67
N VAL B 136 21.76 -1.50 -7.61
CA VAL B 136 23.17 -1.59 -7.99
C VAL B 136 23.72 -0.22 -8.36
N ALA B 137 22.96 0.53 -9.18
CA ALA B 137 23.43 1.85 -9.62
C ALA B 137 23.65 2.79 -8.44
N VAL B 138 22.80 2.69 -7.41
CA VAL B 138 22.97 3.48 -6.20
C VAL B 138 24.24 3.06 -5.47
N ASP B 139 24.43 1.75 -5.29
CA ASP B 139 25.58 1.24 -4.53
C ASP B 139 26.91 1.67 -5.15
N VAL B 140 26.96 1.94 -6.45
CA VAL B 140 28.23 2.27 -7.09
C VAL B 140 28.25 3.70 -7.63
N ALA B 141 27.22 4.50 -7.33
CA ALA B 141 27.18 5.91 -7.71
C ALA B 141 27.19 6.12 -9.22
N ALA B 142 26.65 5.17 -9.98
CA ALA B 142 26.60 5.32 -11.43
C ALA B 142 25.35 6.09 -11.85
N ALA B 143 25.49 6.86 -12.93
CA ALA B 143 24.32 7.36 -13.62
C ALA B 143 23.76 6.26 -14.54
N ALA B 144 22.55 6.50 -15.05
CA ALA B 144 21.85 5.54 -15.89
C ALA B 144 21.64 6.09 -17.29
N LEU B 145 22.01 5.28 -18.29
CA LEU B 145 21.71 5.54 -19.68
C LEU B 145 20.47 4.74 -20.07
N VAL B 146 19.42 5.42 -20.50
CA VAL B 146 18.12 4.79 -20.71
C VAL B 146 17.89 4.50 -22.19
N VAL B 147 17.81 3.23 -22.56
CA VAL B 147 17.55 2.87 -23.95
C VAL B 147 16.06 2.76 -24.16
N VAL B 148 15.58 3.45 -25.20
CA VAL B 148 14.15 3.60 -25.47
C VAL B 148 13.86 3.22 -26.92
N THR B 149 12.59 2.97 -27.19
CA THR B 149 12.14 2.81 -28.57
C THR B 149 11.51 4.09 -29.06
N ALA B 150 11.20 4.12 -30.34
CA ALA B 150 10.54 5.26 -30.93
C ALA B 150 9.08 5.02 -31.20
N ASP B 151 8.53 3.92 -30.67
CA ASP B 151 7.17 3.51 -30.99
C ASP B 151 6.15 4.10 -30.02
N LEU B 152 4.90 4.14 -30.48
CA LEU B 152 3.78 4.48 -29.62
C LEU B 152 3.91 3.79 -28.27
N GLY B 153 3.84 4.56 -27.20
CA GLY B 153 4.05 4.05 -25.87
C GLY B 153 5.40 4.38 -25.29
N THR B 154 6.39 4.72 -26.11
CA THR B 154 7.70 4.98 -25.57
C THR B 154 7.68 6.14 -24.58
N LEU B 155 6.80 7.12 -24.78
CA LEU B 155 6.75 8.27 -23.87
C LEU B 155 6.37 7.81 -22.46
N ASN B 156 5.26 7.10 -22.33
CA ASN B 156 4.87 6.64 -21.01
C ASN B 156 6.00 5.84 -20.37
N HIS B 157 6.51 4.83 -21.08
CA HIS B 157 7.57 3.99 -20.54
C HIS B 157 8.82 4.80 -20.16
N THR B 158 9.18 5.79 -20.97
CA THR B 158 10.35 6.61 -20.63
C THR B 158 10.09 7.42 -19.36
N LYS B 159 8.98 8.15 -19.32
CA LYS B 159 8.69 8.97 -18.15
C LYS B 159 8.65 8.11 -16.88
N LEU B 160 8.07 6.90 -16.99
CA LEU B 160 8.05 5.96 -15.86
C LEU B 160 9.46 5.61 -15.39
N THR B 161 10.35 5.35 -16.33
CA THR B 161 11.71 4.96 -16.01
C THR B 161 12.50 6.12 -15.40
N LEU B 162 12.41 7.30 -16.03
CA LEU B 162 13.06 8.49 -15.48
C LEU B 162 12.52 8.82 -14.09
N GLU B 163 11.22 8.57 -13.86
CA GLU B 163 10.67 8.80 -12.52
C GLU B 163 11.27 7.83 -11.50
N ALA B 164 11.44 6.56 -11.88
CA ALA B 164 12.02 5.60 -10.96
C ALA B 164 13.48 5.91 -10.68
N LEU B 165 14.22 6.26 -11.73
CA LEU B 165 15.58 6.76 -11.58
C LEU B 165 15.65 7.85 -10.52
N ALA B 166 14.83 8.90 -10.69
CA ALA B 166 14.90 10.05 -9.79
C ALA B 166 14.51 9.68 -8.36
N ALA B 167 13.51 8.80 -8.22
CA ALA B 167 13.07 8.39 -6.89
C ALA B 167 14.21 7.89 -6.01
N GLN B 168 15.28 7.34 -6.60
CA GLN B 168 16.44 6.91 -5.81
C GLN B 168 17.67 7.75 -6.09
N GLN B 169 17.50 8.96 -6.60
CA GLN B 169 18.61 9.87 -6.83
C GLN B 169 19.69 9.23 -7.71
N VAL B 170 19.27 8.38 -8.64
CA VAL B 170 20.15 7.93 -9.72
C VAL B 170 20.04 8.95 -10.85
N SER B 171 21.17 9.53 -11.23
CA SER B 171 21.17 10.52 -12.30
C SER B 171 20.88 9.86 -13.65
N CYS B 172 20.24 10.60 -14.54
CA CYS B 172 19.98 10.13 -15.89
C CYS B 172 21.01 10.73 -16.85
N ALA B 173 21.87 9.88 -17.44
CA ALA B 173 22.84 10.35 -18.43
C ALA B 173 22.21 10.62 -19.80
N GLY B 174 20.98 10.18 -20.03
CA GLY B 174 20.32 10.44 -21.29
C GLY B 174 19.54 9.24 -21.80
N LEU B 175 18.91 9.43 -22.95
CA LEU B 175 18.26 8.37 -23.70
C LEU B 175 18.98 8.12 -25.01
N VAL B 176 18.96 6.87 -25.43
CA VAL B 176 19.33 6.46 -26.77
C VAL B 176 18.15 5.69 -27.34
N ILE B 177 17.75 6.04 -28.57
CA ILE B 177 16.78 5.21 -29.27
C ILE B 177 17.53 4.01 -29.83
N GLY B 178 17.19 2.82 -29.33
CA GLY B 178 17.89 1.62 -29.73
C GLY B 178 17.80 1.36 -31.23
N SER B 179 16.65 1.68 -31.83
CA SER B 179 16.40 1.37 -33.24
C SER B 179 15.54 2.46 -33.84
N TRP B 180 16.12 3.18 -34.80
CA TRP B 180 15.48 4.23 -35.54
C TRP B 180 14.97 3.65 -36.86
N PRO B 181 13.66 3.59 -37.11
CA PRO B 181 13.19 2.96 -38.35
C PRO B 181 13.46 3.84 -39.56
N ASP B 182 13.45 3.19 -40.70
CA ASP B 182 13.61 3.86 -41.97
C ASP B 182 12.59 3.28 -42.95
N PRO B 183 11.73 4.12 -43.52
CA PRO B 183 11.57 5.52 -43.11
C PRO B 183 10.87 5.70 -41.73
N PRO B 184 11.14 6.83 -41.06
CA PRO B 184 10.66 7.01 -39.68
C PRO B 184 9.17 6.71 -39.49
N GLY B 185 8.33 7.43 -40.21
CA GLY B 185 6.92 7.32 -39.89
C GLY B 185 6.48 8.43 -38.94
N LEU B 186 5.17 8.66 -38.92
CA LEU B 186 4.65 9.83 -38.23
C LEU B 186 4.87 9.73 -36.72
N VAL B 187 4.56 8.57 -36.15
CA VAL B 187 4.71 8.37 -34.71
C VAL B 187 6.17 8.49 -34.29
N ALA B 188 7.06 7.83 -35.04
CA ALA B 188 8.47 7.87 -34.68
C ALA B 188 9.06 9.27 -34.86
N ALA B 189 8.66 9.99 -35.90
CA ALA B 189 9.16 11.35 -36.06
C ALA B 189 8.72 12.25 -34.92
N SER B 190 7.45 12.16 -34.53
CA SER B 190 6.97 12.95 -33.40
C SER B 190 7.58 12.48 -32.08
N ASN B 191 7.76 11.17 -31.91
CA ASN B 191 8.31 10.69 -30.65
C ASN B 191 9.74 11.17 -30.47
N ARG B 192 10.54 11.15 -31.55
CA ARG B 192 11.92 11.62 -31.41
C ARG B 192 11.95 13.05 -30.88
N SER B 193 11.02 13.89 -31.34
N SER B 193 11.01 13.89 -31.32
CA SER B 193 10.94 15.25 -30.80
CA SER B 193 10.93 15.25 -30.82
C SER B 193 10.45 15.24 -29.36
C SER B 193 10.36 15.31 -29.41
N ALA B 194 9.47 14.39 -29.06
CA ALA B 194 8.87 14.37 -27.73
C ALA B 194 9.87 13.88 -26.68
N LEU B 195 10.50 12.74 -26.94
CA LEU B 195 11.56 12.24 -26.06
C LEU B 195 12.57 13.34 -25.72
N ALA B 196 12.94 14.16 -26.70
CA ALA B 196 13.86 15.26 -26.46
C ALA B 196 13.26 16.33 -25.56
N ARG B 197 11.95 16.32 -25.35
CA ARG B 197 11.38 17.28 -24.42
C ARG B 197 11.46 16.80 -22.97
N ILE B 198 11.83 15.55 -22.75
CA ILE B 198 11.94 15.01 -21.39
C ILE B 198 13.36 14.63 -21.00
N ALA B 199 14.26 14.39 -21.96
CA ALA B 199 15.65 14.11 -21.62
C ALA B 199 16.50 14.27 -22.88
N MET B 200 17.81 14.38 -22.65
CA MET B 200 18.78 14.47 -23.75
C MET B 200 18.87 13.13 -24.47
N VAL B 201 18.34 13.08 -25.69
CA VAL B 201 18.57 11.97 -26.61
C VAL B 201 20.02 12.03 -27.07
N ARG B 202 20.79 10.99 -26.77
CA ARG B 202 22.23 10.97 -27.04
C ARG B 202 22.53 10.47 -28.43
N ALA B 203 21.75 9.49 -28.89
CA ALA B 203 21.88 8.96 -30.24
C ALA B 203 20.59 8.24 -30.60
N ALA B 204 20.43 7.96 -31.89
CA ALA B 204 19.38 7.09 -32.39
C ALA B 204 20.03 6.10 -33.35
N LEU B 205 20.01 4.83 -33.00
CA LEU B 205 20.81 3.91 -33.81
C LEU B 205 19.97 3.38 -34.96
N PRO B 206 20.48 3.45 -36.19
CA PRO B 206 19.69 2.98 -37.33
C PRO B 206 19.20 1.57 -37.12
N ALA B 207 17.96 1.32 -37.52
CA ALA B 207 17.41 -0.02 -37.44
C ALA B 207 18.29 -0.97 -38.23
N GLY B 208 18.62 -2.12 -37.64
CA GLY B 208 19.39 -3.14 -38.30
C GLY B 208 20.88 -3.10 -38.02
N ALA B 209 21.38 -2.08 -37.31
CA ALA B 209 22.81 -1.98 -37.02
C ALA B 209 23.35 -3.24 -36.32
N ALA B 210 22.53 -3.86 -35.47
CA ALA B 210 22.96 -5.07 -34.77
C ALA B 210 23.63 -6.07 -35.70
N SER B 211 23.16 -6.17 -36.94
CA SER B 211 23.65 -7.14 -37.90
C SER B 211 24.94 -6.73 -38.62
N LEU B 212 25.44 -5.51 -38.42
CA LEU B 212 26.64 -5.06 -39.11
C LEU B 212 27.87 -5.86 -38.66
N ASP B 213 28.89 -5.88 -39.52
CA ASP B 213 30.20 -6.36 -39.09
C ASP B 213 30.89 -5.22 -38.35
N ALA B 214 32.08 -5.49 -37.81
CA ALA B 214 32.68 -4.53 -36.87
C ALA B 214 33.14 -3.28 -37.57
N GLY B 215 33.61 -3.41 -38.80
CA GLY B 215 34.08 -2.23 -39.53
C GLY B 215 32.99 -1.21 -39.74
N ASP B 216 31.88 -1.64 -40.35
CA ASP B 216 30.76 -0.74 -40.55
C ASP B 216 30.16 -0.30 -39.24
N PHE B 217 30.04 -1.23 -38.28
CA PHE B 217 29.51 -0.86 -36.96
C PHE B 217 30.33 0.25 -36.32
N ALA B 218 31.66 0.16 -36.41
CA ALA B 218 32.48 1.21 -35.82
C ALA B 218 32.20 2.55 -36.47
N ALA B 219 31.92 2.54 -37.77
CA ALA B 219 31.64 3.79 -38.48
C ALA B 219 30.29 4.36 -38.06
N MET B 220 29.25 3.53 -38.11
CA MET B 220 27.96 3.91 -37.55
C MET B 220 28.12 4.53 -36.17
N SER B 221 28.73 3.77 -35.23
CA SER B 221 28.88 4.26 -33.85
C SER B 221 29.62 5.60 -33.79
N ALA B 222 30.68 5.76 -34.58
CA ALA B 222 31.43 7.01 -34.57
C ALA B 222 30.53 8.19 -34.86
N ALA B 223 29.65 8.05 -35.86
CA ALA B 223 28.76 9.13 -36.27
C ALA B 223 27.50 9.23 -35.44
N ALA B 224 27.21 8.25 -34.59
CA ALA B 224 25.93 8.22 -33.90
C ALA B 224 25.91 9.09 -32.65
N PHE B 225 27.02 9.20 -31.94
CA PHE B 225 27.08 10.00 -30.73
C PHE B 225 27.82 11.30 -30.98
N ASP B 226 27.49 12.31 -30.19
CA ASP B 226 28.25 13.54 -30.21
C ASP B 226 29.62 13.31 -29.61
N ARG B 227 30.66 13.76 -30.32
CA ARG B 227 32.03 13.45 -29.93
C ARG B 227 32.39 14.09 -28.60
N ASN B 228 31.96 15.35 -28.39
CA ASN B 228 32.27 16.06 -27.15
C ASN B 228 31.65 15.35 -25.95
N TRP B 229 30.43 14.84 -26.10
CA TRP B 229 29.77 14.11 -25.03
C TRP B 229 30.54 12.84 -24.68
N VAL B 230 30.86 12.03 -25.70
CA VAL B 230 31.61 10.80 -25.49
C VAL B 230 32.89 11.08 -24.72
N ALA B 231 33.71 11.99 -25.24
CA ALA B 231 34.93 12.40 -24.54
C ALA B 231 34.61 12.89 -23.12
N GLY B 232 33.63 13.76 -22.99
CA GLY B 232 33.27 14.31 -21.69
C GLY B 232 32.80 13.28 -20.67
N LEU B 233 32.65 12.02 -21.06
CA LEU B 233 32.21 11.00 -20.12
C LEU B 233 33.30 10.61 -19.13
N VAL B 234 34.56 10.60 -19.57
CA VAL B 234 35.67 10.14 -18.73
C VAL B 234 36.75 11.21 -18.52
N HIS C 8 -3.23 -25.72 -1.92
CA HIS C 8 -1.86 -25.31 -2.19
C HIS C 8 -1.07 -25.23 -0.86
N GLY C 9 0.10 -25.89 -0.81
CA GLY C 9 1.02 -26.01 0.31
C GLY C 9 0.35 -26.51 1.59
N GLY C 10 0.95 -26.14 2.73
CA GLY C 10 0.39 -26.40 4.04
C GLY C 10 -0.55 -25.31 4.51
N THR C 11 -0.60 -25.11 5.83
CA THR C 11 -1.39 -24.04 6.44
C THR C 11 -0.46 -22.89 6.82
N ILE C 12 -0.78 -21.69 6.31
CA ILE C 12 -0.21 -20.43 6.77
C ILE C 12 -1.20 -19.80 7.75
N LEU C 13 -0.69 -19.29 8.86
CA LEU C 13 -1.54 -18.65 9.86
C LEU C 13 -0.82 -17.42 10.37
N VAL C 14 -1.36 -16.23 10.09
CA VAL C 14 -0.75 -15.04 10.67
C VAL C 14 -1.19 -14.92 12.11
N VAL C 15 -0.32 -14.32 12.91
CA VAL C 15 -0.55 -14.09 14.32
C VAL C 15 -0.38 -12.60 14.50
N THR C 16 -1.50 -11.88 14.48
CA THR C 16 -1.52 -10.46 14.78
C THR C 16 -1.92 -10.30 16.25
N GLY C 17 -2.12 -9.05 16.68
CA GLY C 17 -2.54 -8.74 18.02
C GLY C 17 -3.19 -7.38 18.02
N THR C 18 -3.81 -7.03 19.14
CA THR C 18 -4.50 -5.76 19.21
C THR C 18 -3.56 -4.58 19.34
N GLY C 19 -2.26 -4.80 19.34
CA GLY C 19 -1.32 -3.72 19.58
C GLY C 19 0.05 -4.26 19.91
N THR C 20 0.91 -3.38 20.41
CA THR C 20 2.26 -3.78 20.76
C THR C 20 2.28 -4.41 22.14
N GLY C 21 3.27 -5.28 22.34
CA GLY C 21 3.52 -5.81 23.65
C GLY C 21 2.34 -6.53 24.24
N VAL C 22 1.60 -7.27 23.41
CA VAL C 22 0.45 -8.04 23.88
C VAL C 22 0.80 -9.49 24.12
N GLY C 23 1.99 -9.93 23.74
CA GLY C 23 2.36 -11.31 23.84
C GLY C 23 2.32 -12.09 22.54
N LYS C 24 2.39 -11.41 21.39
CA LYS C 24 2.34 -12.12 20.12
C LYS C 24 3.45 -13.16 20.01
N THR C 25 4.67 -12.79 20.43
CA THR C 25 5.82 -13.68 20.30
C THR C 25 5.69 -14.89 21.22
N VAL C 26 5.21 -14.70 22.44
CA VAL C 26 5.01 -15.83 23.34
C VAL C 26 3.94 -16.78 22.77
N VAL C 27 2.86 -16.20 22.22
CA VAL C 27 1.81 -17.01 21.59
C VAL C 27 2.38 -17.85 20.45
N CYS C 28 3.11 -17.22 19.53
CA CYS C 28 3.80 -17.98 18.48
C CYS C 28 4.64 -19.10 19.06
N ALA C 29 5.45 -18.80 20.09
CA ALA C 29 6.26 -19.85 20.70
C ALA C 29 5.38 -20.93 21.33
N ALA C 30 4.26 -20.53 21.94
CA ALA C 30 3.40 -21.49 22.59
C ALA C 30 2.71 -22.40 21.56
N LEU C 31 2.13 -21.80 20.53
CA LEU C 31 1.39 -22.59 19.53
C LEU C 31 2.32 -23.56 18.80
N ALA C 32 3.54 -23.12 18.46
CA ALA C 32 4.50 -24.02 17.82
C ALA C 32 4.86 -25.18 18.73
N SER C 33 5.13 -24.91 20.03
CA SER C 33 5.41 -26.01 20.94
C SER C 33 4.21 -26.92 21.11
N ALA C 34 3.01 -26.35 21.15
CA ALA C 34 1.82 -27.20 21.22
C ALA C 34 1.69 -28.04 19.96
N ALA C 35 1.95 -27.43 18.80
CA ALA C 35 1.83 -28.15 17.53
C ALA C 35 3.00 -29.11 17.33
N ARG C 36 4.20 -28.70 17.71
CA ARG C 36 5.35 -29.61 17.61
C ARG C 36 5.16 -30.84 18.49
N GLN C 37 4.47 -30.67 19.62
CA GLN C 37 4.14 -31.82 20.48
C GLN C 37 3.01 -32.65 19.89
N ALA C 38 2.08 -32.04 19.16
CA ALA C 38 1.08 -32.76 18.37
C ALA C 38 1.63 -33.32 17.06
N GLY C 39 2.95 -33.42 16.93
CA GLY C 39 3.59 -34.06 15.80
C GLY C 39 3.65 -33.26 14.52
N ILE C 40 3.30 -31.97 14.54
CA ILE C 40 3.27 -31.14 13.35
C ILE C 40 4.65 -30.57 13.07
N ASP C 41 4.96 -30.40 11.78
CA ASP C 41 6.09 -29.59 11.35
C ASP C 41 5.70 -28.11 11.46
N VAL C 42 6.47 -27.33 12.20
CA VAL C 42 6.17 -25.91 12.41
C VAL C 42 7.33 -25.06 11.90
N ALA C 43 6.99 -23.92 11.29
CA ALA C 43 7.93 -22.87 10.97
C ALA C 43 7.34 -21.54 11.40
N VAL C 44 8.21 -20.63 11.81
CA VAL C 44 7.79 -19.30 12.23
C VAL C 44 8.55 -18.29 11.38
N CYS C 45 7.83 -17.27 10.94
CA CYS C 45 8.36 -16.25 10.05
C CYS C 45 8.14 -14.87 10.68
N LYS C 46 9.09 -13.97 10.50
CA LYS C 46 8.97 -12.60 10.98
C LYS C 46 9.56 -11.68 9.92
N PRO C 47 8.73 -11.20 8.99
CA PRO C 47 9.29 -10.43 7.87
C PRO C 47 9.86 -9.09 8.27
N VAL C 48 9.28 -8.41 9.25
CA VAL C 48 9.78 -7.10 9.67
C VAL C 48 10.06 -7.16 11.17
N GLN C 49 11.31 -6.93 11.53
CA GLN C 49 11.76 -6.90 12.92
C GLN C 49 12.36 -5.51 13.20
N THR C 50 11.71 -4.72 14.04
CA THR C 50 12.29 -3.49 14.55
C THR C 50 12.77 -3.72 15.99
N GLY C 51 13.52 -2.75 16.50
CA GLY C 51 13.92 -2.76 17.89
C GLY C 51 15.18 -3.54 18.21
N THR C 52 16.08 -3.76 17.24
CA THR C 52 17.30 -4.49 17.57
C THR C 52 18.16 -3.70 18.53
N ALA C 53 18.05 -2.37 18.49
CA ALA C 53 18.81 -1.51 19.40
C ALA C 53 18.44 -1.76 20.86
N ARG C 54 17.27 -2.35 21.09
CA ARG C 54 16.78 -2.68 22.42
C ARG C 54 17.13 -4.10 22.83
N GLY C 55 17.62 -4.91 21.90
CA GLY C 55 17.89 -6.32 22.13
C GLY C 55 16.80 -7.24 21.61
N ASP C 56 15.81 -6.70 20.90
CA ASP C 56 14.67 -7.49 20.46
C ASP C 56 15.10 -8.45 19.35
N ASP C 57 14.70 -9.72 19.47
CA ASP C 57 14.75 -10.63 18.33
C ASP C 57 13.65 -11.67 18.58
N ASP C 58 12.49 -11.47 17.94
CA ASP C 58 11.36 -12.33 18.20
C ASP C 58 11.61 -13.74 17.72
N LEU C 59 12.23 -13.91 16.53
CA LEU C 59 12.52 -15.26 16.04
C LEU C 59 13.43 -16.01 17.00
N ALA C 60 14.45 -15.33 17.53
CA ALA C 60 15.33 -15.95 18.52
C ALA C 60 14.54 -16.34 19.77
N GLU C 61 13.75 -15.40 20.29
CA GLU C 61 12.94 -15.70 21.47
C GLU C 61 12.05 -16.92 21.24
N VAL C 62 11.48 -17.04 20.03
CA VAL C 62 10.69 -18.21 19.66
C VAL C 62 11.57 -19.46 19.65
N GLY C 63 12.74 -19.37 19.02
CA GLY C 63 13.68 -20.49 19.07
C GLY C 63 14.05 -20.89 20.48
N ARG C 64 14.37 -19.91 21.33
CA ARG C 64 14.74 -20.18 22.71
C ARG C 64 13.63 -20.94 23.44
N LEU C 65 12.45 -20.35 23.50
CA LEU C 65 11.35 -20.88 24.29
C LEU C 65 10.84 -22.23 23.78
N ALA C 66 10.79 -22.40 22.45
CA ALA C 66 10.05 -23.52 21.89
C ALA C 66 10.89 -24.44 21.01
N GLY C 67 12.20 -24.21 20.95
CA GLY C 67 13.06 -25.12 20.20
C GLY C 67 12.76 -25.20 18.72
N VAL C 68 12.07 -24.21 18.17
CA VAL C 68 11.82 -24.17 16.73
C VAL C 68 13.11 -23.82 16.01
N THR C 69 13.44 -24.60 14.97
CA THR C 69 14.60 -24.32 14.13
C THR C 69 14.24 -23.62 12.84
N GLN C 70 13.02 -23.82 12.35
CA GLN C 70 12.62 -23.22 11.08
C GLN C 70 12.16 -21.79 11.35
N LEU C 71 13.10 -20.87 11.26
CA LEU C 71 12.91 -19.45 11.53
C LEU C 71 13.39 -18.66 10.31
N ALA C 72 12.53 -17.80 9.80
CA ALA C 72 12.84 -17.02 8.62
C ALA C 72 12.57 -15.55 8.91
N GLY C 73 13.57 -14.71 8.64
CA GLY C 73 13.43 -13.27 8.72
C GLY C 73 13.73 -12.61 7.39
N LEU C 74 13.64 -11.27 7.39
CA LEU C 74 14.00 -10.47 6.23
C LEU C 74 14.48 -9.10 6.68
N ALA C 75 13.53 -8.20 6.89
CA ALA C 75 13.84 -6.84 7.31
C ALA C 75 14.16 -6.80 8.80
N ARG C 76 15.23 -6.09 9.16
CA ARG C 76 15.62 -5.87 10.54
C ARG C 76 16.00 -4.40 10.71
N TYR C 77 15.51 -3.76 11.77
CA TYR C 77 15.77 -2.35 12.02
C TYR C 77 16.09 -2.11 13.49
N PRO C 78 16.90 -1.09 13.79
CA PRO C 78 17.33 -0.86 15.17
C PRO C 78 16.29 -0.27 16.11
N GLN C 79 15.69 0.88 15.75
CA GLN C 79 14.90 1.56 16.76
C GLN C 79 13.55 0.87 16.98
N PRO C 80 13.12 0.75 18.26
CA PRO C 80 11.80 0.17 18.56
C PRO C 80 10.64 1.08 18.20
N MET C 81 10.37 1.22 16.90
CA MET C 81 9.35 2.13 16.37
C MET C 81 8.55 1.38 15.32
N ALA C 82 7.54 2.05 14.77
CA ALA C 82 6.86 1.54 13.59
C ALA C 82 7.90 1.21 12.50
N PRO C 83 7.69 0.18 11.69
CA PRO C 83 8.67 -0.14 10.63
C PRO C 83 9.06 1.05 9.77
N ALA C 84 8.08 1.85 9.33
CA ALA C 84 8.38 3.04 8.54
C ALA C 84 9.31 3.98 9.30
N ALA C 85 9.00 4.22 10.57
CA ALA C 85 9.81 5.12 11.39
C ALA C 85 11.20 4.54 11.65
N ALA C 86 11.27 3.24 11.96
CA ALA C 86 12.56 2.59 12.17
C ALA C 86 13.41 2.64 10.90
N ALA C 87 12.85 2.27 9.75
CA ALA C 87 13.64 2.28 8.52
C ALA C 87 14.08 3.69 8.17
N GLU C 88 13.17 4.66 8.31
CA GLU C 88 13.53 6.06 8.11
C GLU C 88 14.72 6.45 8.99
N HIS C 89 14.64 6.13 10.28
CA HIS C 89 15.70 6.52 11.20
C HIS C 89 17.03 5.84 10.83
N ALA C 90 16.96 4.59 10.36
CA ALA C 90 18.17 3.87 9.97
C ALA C 90 18.64 4.21 8.56
N GLY C 91 17.96 5.11 7.85
CA GLY C 91 18.30 5.43 6.47
C GLY C 91 18.14 4.26 5.53
N MET C 92 17.22 3.34 5.84
CA MET C 92 16.95 2.19 4.99
C MET C 92 15.53 2.28 4.46
N ALA C 93 15.11 1.22 3.76
CA ALA C 93 13.81 1.13 3.14
C ALA C 93 13.02 -0.01 3.76
N LEU C 94 11.69 0.13 3.75
CA LEU C 94 10.85 -1.02 4.01
C LEU C 94 11.13 -2.09 2.95
N PRO C 95 10.91 -3.36 3.27
CA PRO C 95 11.07 -4.39 2.24
C PRO C 95 9.96 -4.28 1.21
N ALA C 96 10.15 -4.98 0.10
CA ALA C 96 9.11 -5.02 -0.92
C ALA C 96 8.01 -5.97 -0.51
N ARG C 97 6.78 -5.65 -0.94
CA ARG C 97 5.63 -6.51 -0.66
C ARG C 97 5.85 -7.91 -1.20
N ASP C 98 6.47 -8.04 -2.38
CA ASP C 98 6.65 -9.40 -2.92
C ASP C 98 7.85 -10.11 -2.32
N GLN C 99 8.80 -9.39 -1.73
CA GLN C 99 9.83 -10.05 -0.93
C GLN C 99 9.23 -10.70 0.32
N ILE C 100 8.18 -10.09 0.89
CA ILE C 100 7.53 -10.63 2.08
C ILE C 100 6.68 -11.83 1.70
N VAL C 101 5.90 -11.72 0.63
CA VAL C 101 5.06 -12.84 0.21
C VAL C 101 5.92 -14.02 -0.23
N ARG C 102 6.99 -13.74 -0.98
CA ARG C 102 7.90 -14.80 -1.40
C ARG C 102 8.45 -15.56 -0.20
N LEU C 103 8.99 -14.81 0.78
CA LEU C 103 9.52 -15.43 1.99
C LEU C 103 8.48 -16.33 2.66
N ILE C 104 7.25 -15.85 2.80
CA ILE C 104 6.19 -16.68 3.34
C ILE C 104 5.93 -17.87 2.43
N ALA C 105 5.78 -17.61 1.12
CA ALA C 105 5.44 -18.66 0.17
C ALA C 105 6.51 -19.75 0.14
N ASP C 106 7.78 -19.36 0.02
CA ASP C 106 8.87 -20.33 0.03
C ASP C 106 8.81 -21.22 1.27
N LEU C 107 8.50 -20.63 2.42
CA LEU C 107 8.48 -21.37 3.68
C LEU C 107 7.34 -22.39 3.75
N ASP C 108 6.33 -22.26 2.90
CA ASP C 108 5.09 -23.02 3.02
C ASP C 108 5.20 -24.32 2.22
N ARG C 109 5.31 -25.44 2.93
N ARG C 109 5.31 -25.44 2.93
CA ARG C 109 5.30 -26.76 2.30
CA ARG C 109 5.31 -26.76 2.31
C ARG C 109 4.13 -27.58 2.83
C ARG C 109 4.13 -27.58 2.84
N PRO C 110 3.72 -28.63 2.13
CA PRO C 110 2.54 -29.39 2.54
C PRO C 110 2.73 -30.09 3.89
N GLY C 111 1.80 -29.83 4.80
CA GLY C 111 1.81 -30.44 6.12
C GLY C 111 2.40 -29.58 7.22
N ARG C 112 3.01 -28.45 6.88
CA ARG C 112 3.68 -27.60 7.85
C ARG C 112 2.78 -26.43 8.24
N LEU C 113 2.74 -26.14 9.55
CA LEU C 113 2.12 -24.92 10.05
C LEU C 113 3.17 -23.81 10.02
N THR C 114 2.89 -22.76 9.26
CA THR C 114 3.76 -21.60 9.16
C THR C 114 3.03 -20.43 9.82
N LEU C 115 3.52 -20.02 10.99
CA LEU C 115 3.02 -18.83 11.64
C LEU C 115 3.86 -17.65 11.17
N VAL C 116 3.20 -16.51 10.93
CA VAL C 116 3.90 -15.29 10.54
C VAL C 116 3.48 -14.19 11.50
N GLU C 117 4.46 -13.59 12.16
CA GLU C 117 4.20 -12.56 13.15
C GLU C 117 4.45 -11.21 12.51
N GLY C 118 3.48 -10.32 12.62
CA GLY C 118 3.66 -8.96 12.15
C GLY C 118 4.51 -8.13 13.12
N ALA C 119 4.42 -6.82 12.96
CA ALA C 119 5.15 -5.88 13.78
C ALA C 119 4.12 -4.94 14.39
N GLY C 120 3.71 -5.21 15.62
CA GLY C 120 2.65 -4.47 16.27
C GLY C 120 1.28 -4.97 15.86
N GLY C 121 0.33 -4.05 15.66
CA GLY C 121 -1.03 -4.41 15.32
C GLY C 121 -1.24 -4.71 13.85
N LEU C 122 -2.51 -4.94 13.50
CA LEU C 122 -2.88 -5.45 12.19
C LEU C 122 -2.58 -4.47 11.07
N LEU C 123 -2.73 -3.17 11.32
CA LEU C 123 -2.70 -2.17 10.26
C LEU C 123 -1.39 -1.39 10.23
N VAL C 124 -0.36 -1.91 10.88
CA VAL C 124 0.96 -1.33 10.78
C VAL C 124 1.50 -1.59 9.39
N GLU C 125 1.92 -0.53 8.71
CA GLU C 125 2.58 -0.65 7.43
C GLU C 125 3.85 -1.51 7.53
N LEU C 126 3.89 -2.61 6.80
CA LEU C 126 5.07 -3.47 6.72
C LEU C 126 5.87 -3.25 5.45
N ALA C 127 5.23 -2.79 4.37
CA ALA C 127 5.89 -2.46 3.12
C ALA C 127 5.20 -1.24 2.50
N GLU C 128 5.91 -0.55 1.61
N GLU C 128 5.92 -0.56 1.58
CA GLU C 128 5.28 0.58 0.93
CA GLU C 128 5.36 0.56 0.82
C GLU C 128 4.41 0.08 -0.22
C GLU C 128 4.39 0.04 -0.25
N PRO C 129 3.25 0.70 -0.46
CA PRO C 129 2.71 1.81 0.33
C PRO C 129 1.53 1.33 1.21
N GLY C 130 1.70 1.45 2.53
CA GLY C 130 0.63 1.08 3.43
C GLY C 130 0.16 -0.36 3.28
N VAL C 131 1.10 -1.29 3.01
CA VAL C 131 0.80 -2.71 2.91
C VAL C 131 0.92 -3.31 4.31
N THR C 132 -0.14 -3.97 4.78
CA THR C 132 -0.21 -4.43 6.16
C THR C 132 -0.18 -5.95 6.23
N LEU C 133 -0.12 -6.44 7.47
CA LEU C 133 -0.23 -7.88 7.70
C LEU C 133 -1.55 -8.40 7.19
N ARG C 134 -2.60 -7.58 7.22
CA ARG C 134 -3.87 -8.01 6.65
C ARG C 134 -3.75 -8.23 5.15
N ASP C 135 -3.15 -7.26 4.44
CA ASP C 135 -2.93 -7.43 3.01
C ASP C 135 -2.12 -8.68 2.73
N VAL C 136 -1.05 -8.89 3.49
CA VAL C 136 -0.24 -10.08 3.33
C VAL C 136 -1.07 -11.34 3.49
N ALA C 137 -1.96 -11.35 4.49
CA ALA C 137 -2.75 -12.55 4.76
C ALA C 137 -3.63 -12.94 3.58
N VAL C 138 -4.20 -11.94 2.90
CA VAL C 138 -5.02 -12.21 1.73
C VAL C 138 -4.18 -12.82 0.62
N ASP C 139 -2.99 -12.26 0.37
CA ASP C 139 -2.12 -12.77 -0.69
C ASP C 139 -1.81 -14.25 -0.50
N VAL C 140 -1.82 -14.74 0.73
CA VAL C 140 -1.38 -16.09 1.05
C VAL C 140 -2.50 -17.00 1.48
N ALA C 141 -3.73 -16.50 1.53
CA ALA C 141 -4.88 -17.25 2.04
C ALA C 141 -4.54 -17.87 3.39
N ALA C 142 -4.29 -16.99 4.36
CA ALA C 142 -4.05 -17.36 5.73
C ALA C 142 -5.15 -16.76 6.60
N ALA C 143 -5.61 -17.52 7.58
CA ALA C 143 -6.42 -16.92 8.60
C ALA C 143 -5.51 -16.12 9.56
N ALA C 144 -6.13 -15.23 10.33
CA ALA C 144 -5.43 -14.46 11.33
C ALA C 144 -5.83 -14.95 12.72
N LEU C 145 -4.83 -15.27 13.53
CA LEU C 145 -5.02 -15.50 14.96
C LEU C 145 -4.74 -14.18 15.68
N VAL C 146 -5.68 -13.73 16.50
CA VAL C 146 -5.59 -12.41 17.11
C VAL C 146 -5.21 -12.55 18.58
N VAL C 147 -4.12 -11.87 18.98
CA VAL C 147 -3.65 -11.85 20.36
C VAL C 147 -4.24 -10.63 21.05
N VAL C 148 -4.78 -10.81 22.25
CA VAL C 148 -5.49 -9.75 22.95
C VAL C 148 -5.05 -9.70 24.41
N THR C 149 -5.19 -8.53 25.03
CA THR C 149 -4.98 -8.40 26.46
C THR C 149 -6.27 -8.68 27.23
N ALA C 150 -6.11 -8.93 28.53
CA ALA C 150 -7.22 -9.01 29.45
C ALA C 150 -7.52 -7.68 30.10
N ASP C 151 -6.78 -6.63 29.74
CA ASP C 151 -6.82 -5.34 30.42
C ASP C 151 -7.99 -4.51 29.94
N LEU C 152 -8.15 -3.33 30.54
CA LEU C 152 -9.22 -2.42 30.15
C LEU C 152 -8.98 -1.87 28.75
N GLY C 153 -10.03 -1.91 27.92
CA GLY C 153 -9.94 -1.46 26.54
C GLY C 153 -9.80 -2.59 25.54
N THR C 154 -9.58 -3.82 26.01
CA THR C 154 -9.34 -4.90 25.08
C THR C 154 -10.57 -5.18 24.23
N LEU C 155 -11.76 -4.93 24.76
CA LEU C 155 -12.97 -5.16 23.97
C LEU C 155 -13.05 -4.21 22.78
N ASN C 156 -12.78 -2.91 23.00
CA ASN C 156 -12.79 -1.98 21.88
C ASN C 156 -11.75 -2.37 20.84
N HIS C 157 -10.49 -2.54 21.28
CA HIS C 157 -9.43 -2.95 20.36
C HIS C 157 -9.75 -4.26 19.66
N THR C 158 -10.34 -5.23 20.37
CA THR C 158 -10.62 -6.52 19.75
C THR C 158 -11.69 -6.40 18.68
N LYS C 159 -12.80 -5.74 19.00
CA LYS C 159 -13.83 -5.51 18.00
C LYS C 159 -13.27 -4.78 16.79
N LEU C 160 -12.47 -3.73 17.03
CA LEU C 160 -11.87 -2.97 15.93
C LEU C 160 -11.08 -3.86 15.01
N THR C 161 -10.22 -4.71 15.58
CA THR C 161 -9.37 -5.56 14.76
C THR C 161 -10.20 -6.57 13.98
N LEU C 162 -11.12 -7.27 14.67
CA LEU C 162 -12.00 -8.24 14.03
C LEU C 162 -12.82 -7.61 12.91
N GLU C 163 -13.27 -6.37 13.11
CA GLU C 163 -14.00 -5.70 12.03
C GLU C 163 -13.12 -5.52 10.81
N ALA C 164 -11.85 -5.18 11.01
CA ALA C 164 -10.95 -5.02 9.86
C ALA C 164 -10.62 -6.37 9.22
N LEU C 165 -10.60 -7.45 10.00
CA LEU C 165 -10.35 -8.76 9.39
C LEU C 165 -11.51 -9.14 8.47
N ALA C 166 -12.74 -9.03 8.96
CA ALA C 166 -13.90 -9.39 8.15
C ALA C 166 -14.05 -8.48 6.93
N ALA C 167 -13.67 -7.20 7.05
CA ALA C 167 -13.87 -6.26 5.96
C ALA C 167 -13.11 -6.66 4.68
N GLN C 168 -12.05 -7.47 4.81
CA GLN C 168 -11.32 -7.99 3.67
C GLN C 168 -11.34 -9.50 3.64
N GLN C 169 -12.35 -10.10 4.27
CA GLN C 169 -12.63 -11.53 4.18
C GLN C 169 -11.41 -12.35 4.60
N VAL C 170 -10.73 -11.86 5.63
CA VAL C 170 -9.67 -12.61 6.32
C VAL C 170 -10.33 -13.34 7.50
N SER C 171 -10.41 -14.66 7.40
CA SER C 171 -10.97 -15.46 8.49
C SER C 171 -10.17 -15.30 9.78
N CYS C 172 -10.88 -15.27 10.91
CA CYS C 172 -10.27 -15.15 12.23
C CYS C 172 -10.23 -16.53 12.88
N ALA C 173 -9.03 -17.04 13.13
CA ALA C 173 -8.87 -18.37 13.70
C ALA C 173 -9.02 -18.42 15.21
N GLY C 174 -9.38 -17.31 15.85
CA GLY C 174 -9.58 -17.24 17.28
C GLY C 174 -8.85 -16.07 17.89
N LEU C 175 -9.05 -15.92 19.20
CA LEU C 175 -8.27 -15.02 20.02
C LEU C 175 -7.40 -15.82 20.97
N VAL C 176 -6.26 -15.25 21.32
CA VAL C 176 -5.47 -15.72 22.45
C VAL C 176 -5.24 -14.54 23.39
N ILE C 177 -5.57 -14.72 24.66
CA ILE C 177 -5.17 -13.78 25.71
C ILE C 177 -3.70 -14.09 26.01
N GLY C 178 -2.82 -13.16 25.64
CA GLY C 178 -1.41 -13.47 25.61
C GLY C 178 -0.74 -13.46 26.98
N SER C 179 -1.29 -12.71 27.93
CA SER C 179 -0.79 -12.66 29.30
C SER C 179 -1.99 -12.65 30.24
N TRP C 180 -2.21 -13.77 30.95
CA TRP C 180 -3.37 -13.91 31.83
C TRP C 180 -2.97 -13.80 33.30
N PRO C 181 -3.41 -12.76 34.02
CA PRO C 181 -2.98 -12.61 35.42
C PRO C 181 -3.61 -13.66 36.34
N ASP C 182 -2.88 -13.97 37.41
CA ASP C 182 -3.37 -14.92 38.41
C ASP C 182 -3.01 -14.43 39.80
N PRO C 183 -3.99 -14.03 40.62
CA PRO C 183 -5.44 -14.11 40.35
C PRO C 183 -5.93 -13.06 39.36
N PRO C 184 -7.09 -13.28 38.76
CA PRO C 184 -7.67 -12.25 37.89
C PRO C 184 -8.51 -11.24 38.68
N GLY C 185 -8.16 -9.96 38.56
CA GLY C 185 -9.01 -8.91 39.09
C GLY C 185 -10.33 -8.86 38.35
N LEU C 186 -11.24 -8.04 38.86
CA LEU C 186 -12.59 -7.96 38.32
C LEU C 186 -12.56 -7.72 36.82
N VAL C 187 -11.76 -6.74 36.39
CA VAL C 187 -11.74 -6.37 34.97
C VAL C 187 -11.29 -7.55 34.11
N ALA C 188 -10.21 -8.23 34.52
CA ALA C 188 -9.75 -9.38 33.75
C ALA C 188 -10.87 -10.41 33.63
N ALA C 189 -11.39 -10.87 34.78
CA ALA C 189 -12.53 -11.76 34.80
C ALA C 189 -13.63 -11.33 33.82
N SER C 190 -14.06 -10.07 33.89
CA SER C 190 -15.19 -9.65 33.06
C SER C 190 -14.82 -9.60 31.59
N ASN C 191 -13.58 -9.17 31.28
CA ASN C 191 -13.20 -9.09 29.88
C ASN C 191 -13.02 -10.48 29.27
N ARG C 192 -12.50 -11.44 30.05
CA ARG C 192 -12.36 -12.79 29.53
C ARG C 192 -13.71 -13.39 29.14
N SER C 193 -14.74 -13.18 29.96
CA SER C 193 -16.07 -13.63 29.57
C SER C 193 -16.59 -12.83 28.37
N ALA C 194 -16.31 -11.53 28.34
CA ALA C 194 -16.75 -10.69 27.24
C ALA C 194 -16.09 -11.10 25.92
N LEU C 195 -14.79 -11.38 25.95
CA LEU C 195 -14.07 -11.79 24.75
C LEU C 195 -14.59 -13.13 24.20
N ALA C 196 -14.95 -14.04 25.09
CA ALA C 196 -15.49 -15.32 24.64
C ALA C 196 -16.85 -15.18 23.97
N ARG C 197 -17.46 -14.00 24.00
CA ARG C 197 -18.72 -13.75 23.30
C ARG C 197 -18.56 -12.98 21.99
N ILE C 198 -17.34 -12.60 21.64
CA ILE C 198 -17.06 -12.02 20.33
C ILE C 198 -16.45 -13.03 19.38
N ALA C 199 -15.62 -13.93 19.90
CA ALA C 199 -14.97 -14.96 19.11
C ALA C 199 -14.55 -16.08 20.05
N MET C 200 -13.91 -17.10 19.49
CA MET C 200 -13.39 -18.22 20.28
C MET C 200 -12.05 -17.85 20.92
N VAL C 201 -11.91 -18.15 22.20
CA VAL C 201 -10.66 -17.92 22.92
C VAL C 201 -9.91 -19.26 22.99
N ARG C 202 -8.86 -19.38 22.19
CA ARG C 202 -8.17 -20.66 22.00
C ARG C 202 -7.18 -20.97 23.12
N ALA C 203 -6.74 -19.94 23.85
CA ALA C 203 -5.76 -20.09 24.92
C ALA C 203 -5.75 -18.81 25.73
N ALA C 204 -5.42 -18.94 27.02
CA ALA C 204 -5.01 -17.82 27.85
C ALA C 204 -3.66 -18.18 28.47
N LEU C 205 -2.61 -17.59 27.96
CA LEU C 205 -1.27 -17.93 28.41
C LEU C 205 -1.02 -17.38 29.80
N PRO C 206 -0.48 -18.18 30.71
CA PRO C 206 -0.16 -17.68 32.05
C PRO C 206 0.91 -16.62 31.98
N ALA C 207 0.71 -15.52 32.71
CA ALA C 207 1.68 -14.43 32.71
C ALA C 207 3.03 -14.93 33.22
N GLY C 208 4.09 -14.29 32.73
CA GLY C 208 5.41 -14.73 33.05
C GLY C 208 5.79 -16.01 32.37
N ALA C 209 5.12 -16.34 31.25
CA ALA C 209 5.40 -17.58 30.55
C ALA C 209 6.79 -17.62 29.93
N ALA C 210 7.38 -16.45 29.65
CA ALA C 210 8.68 -16.40 29.01
C ALA C 210 9.82 -16.70 29.96
N SER C 211 9.56 -16.71 31.26
CA SER C 211 10.54 -17.18 32.24
C SER C 211 10.36 -18.65 32.56
N LEU C 212 9.64 -19.40 31.72
CA LEU C 212 9.52 -20.85 31.88
C LEU C 212 10.69 -21.55 31.23
N ASP C 213 11.25 -22.53 31.96
CA ASP C 213 12.16 -23.49 31.37
C ASP C 213 11.50 -24.19 30.19
N ALA C 214 12.32 -24.53 29.18
CA ALA C 214 11.80 -25.14 27.96
C ALA C 214 10.91 -26.34 28.25
N GLY C 215 11.27 -27.16 29.24
CA GLY C 215 10.40 -28.26 29.63
C GLY C 215 9.09 -27.77 30.21
N ASP C 216 9.16 -26.84 31.17
CA ASP C 216 7.94 -26.24 31.72
C ASP C 216 7.15 -25.50 30.66
N PHE C 217 7.83 -24.89 29.69
CA PHE C 217 7.13 -24.16 28.65
C PHE C 217 6.28 -25.10 27.80
N ALA C 218 6.86 -26.22 27.38
CA ALA C 218 6.13 -27.18 26.57
C ALA C 218 4.86 -27.65 27.26
N ALA C 219 4.96 -27.93 28.57
CA ALA C 219 3.79 -28.38 29.31
C ALA C 219 2.70 -27.32 29.31
N MET C 220 3.08 -26.08 29.65
CA MET C 220 2.11 -24.99 29.61
C MET C 220 1.49 -24.86 28.21
N SER C 221 2.33 -24.86 27.17
CA SER C 221 1.81 -24.76 25.81
C SER C 221 0.84 -25.90 25.51
N ALA C 222 1.16 -27.11 25.96
CA ALA C 222 0.29 -28.24 25.68
C ALA C 222 -0.99 -28.15 26.49
N ALA C 223 -0.92 -27.59 27.69
CA ALA C 223 -2.11 -27.45 28.51
C ALA C 223 -2.98 -26.28 28.04
N ALA C 224 -2.36 -25.24 27.48
CA ALA C 224 -3.08 -24.01 27.14
C ALA C 224 -3.96 -24.17 25.91
N PHE C 225 -3.62 -25.11 25.04
CA PHE C 225 -4.28 -25.28 23.75
C PHE C 225 -4.98 -26.64 23.68
N ASP C 226 -6.20 -26.62 23.12
CA ASP C 226 -6.89 -27.85 22.74
C ASP C 226 -6.11 -28.56 21.65
N ARG C 227 -5.73 -29.82 21.89
CA ARG C 227 -4.91 -30.52 20.90
C ARG C 227 -5.67 -30.79 19.60
N ASN C 228 -6.98 -31.05 19.68
CA ASN C 228 -7.77 -31.29 18.47
C ASN C 228 -7.67 -30.09 17.53
N TRP C 229 -7.98 -28.90 18.05
CA TRP C 229 -7.86 -27.68 17.26
C TRP C 229 -6.43 -27.46 16.74
N VAL C 230 -5.42 -27.83 17.54
CA VAL C 230 -4.05 -27.58 17.15
C VAL C 230 -3.64 -28.49 16.00
N ALA C 231 -3.81 -29.79 16.17
CA ALA C 231 -3.39 -30.73 15.12
C ALA C 231 -4.35 -30.71 13.93
N GLY C 232 -5.57 -30.20 14.11
CA GLY C 232 -6.46 -29.99 12.98
C GLY C 232 -6.30 -28.62 12.36
N LEU C 233 -5.11 -28.03 12.50
CA LEU C 233 -4.83 -26.78 11.81
C LEU C 233 -4.34 -27.05 10.39
N VAL C 234 -3.43 -28.00 10.24
CA VAL C 234 -3.10 -28.54 8.93
C VAL C 234 -4.03 -29.67 8.53
N GLY C 235 -4.77 -30.24 9.48
CA GLY C 235 -5.69 -31.33 9.20
C GLY C 235 -5.39 -32.59 10.00
N HIS D 8 -31.53 23.60 9.33
CA HIS D 8 -30.27 22.86 9.41
C HIS D 8 -29.83 22.61 10.88
N GLY D 9 -30.28 23.46 11.80
CA GLY D 9 -29.89 23.29 13.20
C GLY D 9 -28.40 23.55 13.45
N GLY D 10 -27.93 23.09 14.60
CA GLY D 10 -26.54 23.23 14.97
C GLY D 10 -25.71 22.02 14.58
N THR D 11 -24.49 21.99 15.11
CA THR D 11 -23.51 20.95 14.79
C THR D 11 -23.27 20.01 15.97
N ILE D 12 -23.36 18.71 15.73
CA ILE D 12 -23.06 17.69 16.74
C ILE D 12 -21.76 17.00 16.35
N LEU D 13 -20.84 16.90 17.31
CA LEU D 13 -19.55 16.21 17.13
C LEU D 13 -19.39 15.18 18.24
N VAL D 14 -19.44 13.90 17.90
CA VAL D 14 -19.05 12.88 18.86
C VAL D 14 -17.54 12.91 18.97
N VAL D 15 -17.03 12.87 20.19
CA VAL D 15 -15.60 12.96 20.45
C VAL D 15 -15.17 11.60 20.96
N THR D 16 -14.56 10.80 20.07
CA THR D 16 -14.17 9.44 20.41
C THR D 16 -12.66 9.37 20.61
N GLY D 17 -12.18 8.17 20.93
CA GLY D 17 -10.76 7.99 21.20
C GLY D 17 -10.32 6.61 20.77
N THR D 18 -9.00 6.48 20.59
CA THR D 18 -8.42 5.19 20.21
C THR D 18 -8.38 4.20 21.36
N GLY D 19 -8.74 4.63 22.56
CA GLY D 19 -8.76 3.73 23.70
C GLY D 19 -9.18 4.45 24.95
N THR D 20 -8.90 3.81 26.08
CA THR D 20 -9.20 4.35 27.40
C THR D 20 -8.03 5.20 27.88
N GLY D 21 -8.31 6.43 28.30
CA GLY D 21 -7.32 7.29 28.93
C GLY D 21 -6.56 8.23 28.01
N VAL D 22 -6.98 8.36 26.75
CA VAL D 22 -6.22 9.14 25.77
C VAL D 22 -6.44 10.63 25.89
N GLY D 23 -7.41 11.07 26.71
CA GLY D 23 -7.66 12.49 26.90
C GLY D 23 -8.92 13.08 26.29
N LYS D 24 -10.02 12.32 26.18
CA LYS D 24 -11.20 12.85 25.51
C LYS D 24 -11.82 14.00 26.27
N THR D 25 -11.90 13.86 27.60
CA THR D 25 -12.51 14.90 28.43
C THR D 25 -11.74 16.20 28.33
N VAL D 26 -10.40 16.15 28.39
CA VAL D 26 -9.66 17.40 28.31
C VAL D 26 -9.84 18.00 26.92
N VAL D 27 -9.98 17.17 25.89
CA VAL D 27 -10.18 17.72 24.55
C VAL D 27 -11.55 18.36 24.42
N CYS D 28 -12.57 17.79 25.07
CA CYS D 28 -13.87 18.45 25.06
C CYS D 28 -13.78 19.83 25.67
N ALA D 29 -13.11 19.95 26.81
CA ALA D 29 -12.98 21.23 27.49
C ALA D 29 -12.24 22.25 26.62
N ALA D 30 -11.07 21.86 26.11
CA ALA D 30 -10.28 22.77 25.29
C ALA D 30 -11.04 23.21 24.05
N LEU D 31 -11.75 22.27 23.40
CA LEU D 31 -12.53 22.63 22.23
C LEU D 31 -13.74 23.48 22.64
N ALA D 32 -14.45 23.08 23.70
CA ALA D 32 -15.51 23.93 24.23
C ALA D 32 -14.96 25.33 24.51
N SER D 33 -13.85 25.41 25.25
CA SER D 33 -13.24 26.70 25.55
C SER D 33 -12.87 27.44 24.27
N ALA D 34 -12.33 26.74 23.27
CA ALA D 34 -11.90 27.42 22.06
C ALA D 34 -13.09 27.97 21.29
N ALA D 35 -14.18 27.19 21.19
CA ALA D 35 -15.35 27.68 20.48
C ALA D 35 -16.01 28.82 21.23
N ARG D 36 -16.20 28.65 22.55
CA ARG D 36 -16.81 29.70 23.35
C ARG D 36 -16.10 31.03 23.15
N GLN D 37 -14.77 31.02 23.14
CA GLN D 37 -14.02 32.26 22.95
C GLN D 37 -14.26 32.85 21.56
N ALA D 38 -14.61 32.01 20.58
CA ALA D 38 -14.95 32.47 19.24
C ALA D 38 -16.42 32.90 19.11
N GLY D 39 -17.16 32.95 20.22
CA GLY D 39 -18.54 33.35 20.19
C GLY D 39 -19.55 32.25 19.99
N ILE D 40 -19.14 30.98 20.13
CA ILE D 40 -20.01 29.83 19.86
C ILE D 40 -20.61 29.32 21.16
N ASP D 41 -21.90 29.03 21.14
CA ASP D 41 -22.54 28.35 22.25
C ASP D 41 -22.21 26.86 22.20
N VAL D 42 -21.93 26.27 23.36
CA VAL D 42 -21.35 24.94 23.43
C VAL D 42 -22.09 24.13 24.48
N ALA D 43 -22.50 22.92 24.10
CA ALA D 43 -23.03 21.95 25.04
C ALA D 43 -22.20 20.67 24.97
N VAL D 44 -22.24 19.88 26.04
CA VAL D 44 -21.48 18.65 26.11
C VAL D 44 -22.36 17.58 26.77
N CYS D 45 -22.57 16.46 26.07
CA CYS D 45 -23.29 15.31 26.59
C CYS D 45 -22.31 14.16 26.78
N LYS D 46 -22.23 13.63 28.02
CA LYS D 46 -21.63 12.34 28.31
C LYS D 46 -22.70 11.39 28.81
N PRO D 47 -23.33 10.62 27.92
CA PRO D 47 -24.50 9.83 28.33
C PRO D 47 -24.22 8.82 29.42
N VAL D 48 -23.08 8.13 29.38
CA VAL D 48 -22.72 7.15 30.40
C VAL D 48 -21.40 7.54 31.03
N GLN D 49 -21.39 7.59 32.35
CA GLN D 49 -20.22 7.90 33.16
C GLN D 49 -20.02 6.75 34.14
N THR D 50 -18.88 6.06 34.03
CA THR D 50 -18.56 5.02 35.02
C THR D 50 -17.42 5.52 35.93
N GLY D 51 -17.04 4.66 36.88
CA GLY D 51 -16.01 5.04 37.84
C GLY D 51 -16.41 6.11 38.84
N THR D 52 -17.72 6.29 39.12
CA THR D 52 -18.17 7.35 40.02
C THR D 52 -17.92 7.04 41.50
N ALA D 53 -17.67 5.78 41.88
CA ALA D 53 -17.40 5.50 43.29
C ALA D 53 -16.15 6.24 43.75
N ARG D 54 -15.13 6.31 42.90
CA ARG D 54 -13.91 7.03 43.22
C ARG D 54 -13.99 8.52 42.87
N GLY D 55 -15.15 9.01 42.42
CA GLY D 55 -15.32 10.43 42.20
C GLY D 55 -15.21 10.94 40.76
N ASP D 56 -15.12 10.06 39.77
CA ASP D 56 -15.00 10.48 38.38
C ASP D 56 -16.26 11.18 37.89
N ASP D 57 -16.08 12.34 37.23
CA ASP D 57 -17.20 13.12 36.72
C ASP D 57 -16.67 13.96 35.55
N ASP D 58 -16.69 13.36 34.35
CA ASP D 58 -16.12 14.02 33.18
C ASP D 58 -16.81 15.35 32.90
N LEU D 59 -18.14 15.39 33.04
CA LEU D 59 -18.87 16.64 32.80
C LEU D 59 -18.42 17.75 33.74
N ALA D 60 -18.29 17.45 35.04
CA ALA D 60 -17.82 18.44 36.01
C ALA D 60 -16.47 19.01 35.61
N GLU D 61 -15.55 18.15 35.17
CA GLU D 61 -14.26 18.63 34.69
C GLU D 61 -14.42 19.60 33.52
N VAL D 62 -15.30 19.30 32.56
CA VAL D 62 -15.56 20.19 31.43
C VAL D 62 -16.13 21.53 31.91
N GLY D 63 -17.14 21.47 32.79
CA GLY D 63 -17.65 22.69 33.37
C GLY D 63 -16.58 23.50 34.06
N ARG D 64 -15.63 22.83 34.71
CA ARG D 64 -14.59 23.54 35.45
C ARG D 64 -13.63 24.29 34.54
N LEU D 65 -13.16 23.66 33.45
CA LEU D 65 -12.15 24.29 32.61
C LEU D 65 -12.75 25.24 31.58
N ALA D 66 -13.91 24.90 31.03
CA ALA D 66 -14.48 25.65 29.92
C ALA D 66 -15.76 26.39 30.27
N GLY D 67 -16.35 26.11 31.44
CA GLY D 67 -17.55 26.83 31.86
C GLY D 67 -18.80 26.54 31.06
N VAL D 68 -18.81 25.46 30.28
CA VAL D 68 -20.06 24.97 29.72
C VAL D 68 -21.05 24.73 30.85
N THR D 69 -22.30 25.17 30.65
CA THR D 69 -23.37 24.86 31.59
C THR D 69 -24.36 23.84 31.05
N GLN D 70 -24.51 23.72 29.75
CA GLN D 70 -25.42 22.74 29.20
C GLN D 70 -24.69 21.41 29.22
N LEU D 71 -24.84 20.68 30.32
CA LEU D 71 -24.06 19.49 30.63
C LEU D 71 -25.03 18.34 30.89
N ALA D 72 -25.19 17.47 29.89
CA ALA D 72 -26.25 16.46 29.92
C ALA D 72 -25.66 15.08 30.08
N GLY D 73 -26.35 14.24 30.87
CA GLY D 73 -25.95 12.87 31.10
C GLY D 73 -27.10 12.03 31.60
N LEU D 74 -27.02 10.73 31.37
CA LEU D 74 -28.12 9.82 31.64
C LEU D 74 -27.83 8.76 32.69
N ALA D 75 -26.56 8.39 32.89
CA ALA D 75 -26.31 7.25 33.77
C ALA D 75 -24.95 7.40 34.45
N ARG D 76 -24.89 6.92 35.68
CA ARG D 76 -23.66 6.90 36.46
C ARG D 76 -23.46 5.51 37.07
N TYR D 77 -22.25 4.96 36.89
CA TYR D 77 -21.88 3.64 37.39
C TYR D 77 -20.66 3.73 38.30
N PRO D 78 -20.75 3.18 39.52
CA PRO D 78 -19.63 3.34 40.48
C PRO D 78 -18.33 2.70 40.01
N GLN D 79 -18.39 1.50 39.48
CA GLN D 79 -17.19 0.74 39.21
C GLN D 79 -16.43 1.30 38.01
N PRO D 80 -15.11 1.38 38.08
CA PRO D 80 -14.30 1.88 36.93
C PRO D 80 -14.14 0.82 35.85
N MET D 81 -15.23 0.53 35.14
CA MET D 81 -15.22 -0.54 34.17
C MET D 81 -15.84 -0.05 32.88
N ALA D 82 -15.85 -0.93 31.88
CA ALA D 82 -16.63 -0.66 30.69
C ALA D 82 -18.10 -0.52 31.09
N PRO D 83 -18.83 0.42 30.50
CA PRO D 83 -20.28 0.54 30.76
C PRO D 83 -21.06 -0.77 30.91
N ALA D 84 -20.87 -1.73 30.02
CA ALA D 84 -21.61 -2.99 30.16
C ALA D 84 -21.25 -3.70 31.45
N ALA D 85 -19.95 -3.81 31.74
CA ALA D 85 -19.51 -4.57 32.91
C ALA D 85 -19.82 -3.81 34.22
N ALA D 86 -19.69 -2.49 34.19
CA ALA D 86 -20.07 -1.70 35.37
C ALA D 86 -21.56 -1.88 35.66
N ALA D 87 -22.39 -1.81 34.63
CA ALA D 87 -23.82 -2.00 34.84
C ALA D 87 -24.11 -3.38 35.39
N GLU D 88 -23.43 -4.40 34.85
CA GLU D 88 -23.69 -5.75 35.31
C GLU D 88 -23.25 -5.93 36.75
N HIS D 89 -22.09 -5.38 37.11
CA HIS D 89 -21.67 -5.40 38.51
C HIS D 89 -22.73 -4.78 39.40
N ALA D 90 -23.28 -3.64 38.97
CA ALA D 90 -24.25 -2.91 39.77
C ALA D 90 -25.63 -3.56 39.76
N GLY D 91 -25.87 -4.54 38.88
CA GLY D 91 -27.17 -5.18 38.82
C GLY D 91 -28.25 -4.39 38.13
N MET D 92 -27.86 -3.45 37.27
CA MET D 92 -28.79 -2.59 36.56
C MET D 92 -28.43 -2.54 35.08
N ALA D 93 -29.44 -2.41 34.23
CA ALA D 93 -29.17 -2.32 32.79
C ALA D 93 -28.55 -0.97 32.42
N LEU D 94 -27.84 -0.98 31.30
CA LEU D 94 -27.46 0.25 30.61
C LEU D 94 -28.72 0.99 30.15
N PRO D 95 -28.58 2.26 29.78
CA PRO D 95 -29.72 2.97 29.16
C PRO D 95 -30.07 2.37 27.80
N ALA D 96 -31.26 2.75 27.33
CA ALA D 96 -31.72 2.34 26.01
C ALA D 96 -31.21 3.28 24.94
N ARG D 97 -31.20 2.78 23.69
CA ARG D 97 -30.72 3.57 22.57
C ARG D 97 -31.54 4.85 22.40
N ASP D 98 -32.87 4.72 22.50
CA ASP D 98 -33.78 5.87 22.55
C ASP D 98 -33.23 7.03 23.33
N GLN D 99 -32.94 6.80 24.62
CA GLN D 99 -32.59 7.90 25.50
C GLN D 99 -31.36 8.64 25.01
N ILE D 100 -30.34 7.91 24.56
CA ILE D 100 -29.09 8.57 24.18
C ILE D 100 -29.31 9.48 22.98
N VAL D 101 -29.87 8.95 21.89
N VAL D 101 -29.87 8.93 21.90
CA VAL D 101 -29.96 9.78 20.68
CA VAL D 101 -30.03 9.68 20.67
C VAL D 101 -30.94 10.93 20.89
C VAL D 101 -30.92 10.89 20.90
N ARG D 102 -32.07 10.67 21.55
CA ARG D 102 -33.05 11.75 21.75
C ARG D 102 -32.47 12.85 22.64
N LEU D 103 -31.80 12.46 23.73
CA LEU D 103 -31.11 13.45 24.56
C LEU D 103 -30.18 14.31 23.72
N ILE D 104 -29.32 13.68 22.91
CA ILE D 104 -28.39 14.43 22.09
C ILE D 104 -29.14 15.30 21.09
N ALA D 105 -30.15 14.71 20.44
CA ALA D 105 -30.87 15.47 19.42
C ALA D 105 -31.62 16.63 20.04
N ASP D 106 -31.98 16.51 21.31
CA ASP D 106 -32.67 17.60 22.00
C ASP D 106 -31.72 18.69 22.48
N LEU D 107 -30.45 18.35 22.69
CA LEU D 107 -29.46 19.39 22.98
C LEU D 107 -29.16 20.23 21.76
N ASP D 108 -29.29 19.67 20.57
CA ASP D 108 -28.82 20.33 19.36
C ASP D 108 -29.74 21.50 18.99
N ARG D 109 -29.13 22.64 18.67
CA ARG D 109 -29.92 23.85 18.39
C ARG D 109 -29.05 24.81 17.60
N PRO D 110 -29.67 25.64 16.75
CA PRO D 110 -28.88 26.48 15.84
C PRO D 110 -27.97 27.44 16.58
N GLY D 111 -26.71 27.48 16.17
CA GLY D 111 -25.70 28.28 16.82
C GLY D 111 -24.93 27.59 17.91
N ARG D 112 -25.19 26.30 18.14
CA ARG D 112 -24.59 25.56 19.25
C ARG D 112 -23.76 24.39 18.73
N LEU D 113 -22.54 24.28 19.22
CA LEU D 113 -21.74 23.08 19.06
C LEU D 113 -22.07 22.12 20.20
N THR D 114 -22.50 20.91 19.87
CA THR D 114 -22.77 19.86 20.84
C THR D 114 -21.73 18.75 20.72
N LEU D 115 -20.91 18.58 21.75
CA LEU D 115 -19.94 17.49 21.83
C LEU D 115 -20.54 16.33 22.62
N VAL D 116 -20.37 15.12 22.10
CA VAL D 116 -20.83 13.90 22.76
C VAL D 116 -19.61 13.09 23.10
N GLU D 117 -19.38 12.83 24.39
CA GLU D 117 -18.23 12.05 24.81
C GLU D 117 -18.70 10.65 25.16
N GLY D 118 -18.07 9.64 24.56
CA GLY D 118 -18.34 8.26 24.92
C GLY D 118 -17.53 7.83 26.13
N ALA D 119 -17.56 6.51 26.37
CA ALA D 119 -16.74 5.88 27.39
C ALA D 119 -15.72 4.99 26.70
N GLY D 120 -14.47 5.45 26.66
CA GLY D 120 -13.41 4.68 26.02
C GLY D 120 -13.49 4.74 24.52
N GLY D 121 -13.22 3.62 23.85
CA GLY D 121 -13.08 3.56 22.42
C GLY D 121 -14.37 3.64 21.64
N LEU D 122 -14.23 3.58 20.31
CA LEU D 122 -15.36 3.81 19.41
C LEU D 122 -16.45 2.75 19.56
N LEU D 123 -16.05 1.50 19.75
CA LEU D 123 -16.99 0.39 19.68
C LEU D 123 -17.35 -0.14 21.06
N VAL D 124 -17.04 0.64 22.09
CA VAL D 124 -17.51 0.33 23.44
C VAL D 124 -19.02 0.38 23.47
N GLU D 125 -19.64 -0.65 24.02
CA GLU D 125 -21.08 -0.68 24.16
C GLU D 125 -21.56 0.41 25.12
N LEU D 126 -22.53 1.21 24.67
CA LEU D 126 -23.10 2.26 25.50
C LEU D 126 -24.56 2.05 25.86
N ALA D 127 -25.30 1.29 25.05
CA ALA D 127 -26.71 0.98 25.33
C ALA D 127 -26.98 -0.48 25.03
N GLU D 128 -28.11 -0.95 25.56
N GLU D 128 -28.11 -0.97 25.55
CA GLU D 128 -28.51 -2.35 25.77
CA GLU D 128 -28.42 -2.38 25.78
C GLU D 128 -28.14 -3.33 24.66
C GLU D 128 -28.03 -3.31 24.61
N PRO D 129 -28.61 -3.16 23.41
CA PRO D 129 -28.36 -4.18 22.38
C PRO D 129 -27.08 -3.90 21.57
N GLY D 130 -25.95 -3.87 22.27
CA GLY D 130 -24.66 -3.69 21.60
C GLY D 130 -24.52 -2.37 20.89
N VAL D 131 -25.19 -1.31 21.37
CA VAL D 131 -25.17 -0.02 20.70
C VAL D 131 -23.91 0.73 21.13
N THR D 132 -23.28 1.38 20.15
CA THR D 132 -22.00 2.03 20.36
C THR D 132 -22.13 3.50 20.05
N LEU D 133 -21.08 4.26 20.38
CA LEU D 133 -21.05 5.65 19.95
C LEU D 133 -21.06 5.78 18.44
N ARG D 134 -20.64 4.73 17.70
CA ARG D 134 -20.73 4.80 16.24
C ARG D 134 -22.17 4.77 15.78
N ASP D 135 -22.96 3.83 16.33
CA ASP D 135 -24.40 3.80 16.05
C ASP D 135 -25.06 5.13 16.39
N VAL D 136 -24.61 5.80 17.44
CA VAL D 136 -25.19 7.08 17.86
C VAL D 136 -24.83 8.18 16.88
N ALA D 137 -23.64 8.08 16.27
CA ALA D 137 -23.19 9.12 15.35
C ALA D 137 -23.95 9.07 14.04
N VAL D 138 -24.21 7.84 13.54
CA VAL D 138 -25.05 7.68 12.36
C VAL D 138 -26.44 8.25 12.61
N ASP D 139 -27.00 7.95 13.79
CA ASP D 139 -28.39 8.24 14.07
C ASP D 139 -28.67 9.72 14.22
N VAL D 140 -27.65 10.54 14.52
CA VAL D 140 -27.84 11.98 14.61
C VAL D 140 -27.07 12.71 13.53
N ALA D 141 -26.40 12.00 12.62
CA ALA D 141 -25.60 12.59 11.55
C ALA D 141 -24.52 13.51 12.12
N ALA D 142 -23.77 12.98 13.08
CA ALA D 142 -22.61 13.67 13.62
C ALA D 142 -21.32 13.17 12.98
N ALA D 143 -20.36 14.07 12.84
CA ALA D 143 -19.00 13.64 12.57
C ALA D 143 -18.34 13.13 13.86
N ALA D 144 -17.13 12.59 13.73
CA ALA D 144 -16.36 12.09 14.86
C ALA D 144 -15.01 12.78 14.93
N LEU D 145 -14.69 13.37 16.08
CA LEU D 145 -13.34 13.78 16.42
C LEU D 145 -12.64 12.63 17.15
N VAL D 146 -11.49 12.17 16.64
CA VAL D 146 -10.79 11.01 17.17
C VAL D 146 -9.56 11.49 17.93
N VAL D 147 -9.51 11.19 19.23
CA VAL D 147 -8.44 11.61 20.12
C VAL D 147 -7.44 10.48 20.24
N VAL D 148 -6.16 10.78 20.05
CA VAL D 148 -5.10 9.79 19.93
C VAL D 148 -3.99 10.08 20.93
N THR D 149 -3.12 9.09 21.15
CA THR D 149 -1.87 9.29 21.88
C THR D 149 -0.73 9.48 20.88
N ALA D 150 0.37 10.06 21.37
CA ALA D 150 1.56 10.18 20.55
C ALA D 150 2.50 8.99 20.74
N ASP D 151 2.02 7.92 21.38
CA ASP D 151 2.81 6.79 21.84
C ASP D 151 2.78 5.63 20.85
N LEU D 152 3.83 4.81 20.93
CA LEU D 152 3.98 3.58 20.16
C LEU D 152 2.68 2.78 20.16
N GLY D 153 2.17 2.46 18.96
CA GLY D 153 0.89 1.80 18.83
C GLY D 153 -0.23 2.68 18.35
N THR D 154 -0.07 3.99 18.40
CA THR D 154 -1.16 4.90 18.05
C THR D 154 -1.54 4.80 16.58
N LEU D 155 -0.60 4.48 15.69
CA LEU D 155 -0.94 4.44 14.27
C LEU D 155 -1.91 3.30 13.97
N ASN D 156 -1.62 2.09 14.44
CA ASN D 156 -2.55 0.97 14.23
C ASN D 156 -3.93 1.28 14.83
N HIS D 157 -3.96 1.77 16.07
CA HIS D 157 -5.23 2.07 16.74
C HIS D 157 -6.00 3.17 16.02
N THR D 158 -5.29 4.18 15.51
CA THR D 158 -5.95 5.25 14.78
C THR D 158 -6.51 4.75 13.46
N LYS D 159 -5.70 4.00 12.70
CA LYS D 159 -6.14 3.48 11.41
C LYS D 159 -7.38 2.60 11.59
N LEU D 160 -7.35 1.71 12.59
CA LEU D 160 -8.53 0.89 12.87
C LEU D 160 -9.73 1.78 13.17
N THR D 161 -9.53 2.85 13.94
CA THR D 161 -10.69 3.61 14.36
C THR D 161 -11.26 4.44 13.24
N LEU D 162 -10.43 4.95 12.33
CA LEU D 162 -10.94 5.67 11.18
C LEU D 162 -11.58 4.71 10.18
N GLU D 163 -11.05 3.50 10.07
CA GLU D 163 -11.64 2.51 9.17
C GLU D 163 -13.04 2.14 9.66
N ALA D 164 -13.18 1.85 10.96
CA ALA D 164 -14.48 1.60 11.55
C ALA D 164 -15.42 2.77 11.30
N LEU D 165 -14.93 4.00 11.46
CA LEU D 165 -15.76 5.16 11.16
C LEU D 165 -16.25 5.11 9.71
N ALA D 166 -15.33 4.86 8.76
CA ALA D 166 -15.70 4.95 7.35
C ALA D 166 -16.65 3.83 6.95
N ALA D 167 -16.60 2.69 7.64
CA ALA D 167 -17.46 1.56 7.29
C ALA D 167 -18.94 1.88 7.44
N GLN D 168 -19.28 2.86 8.29
CA GLN D 168 -20.65 3.33 8.45
C GLN D 168 -20.83 4.77 8.00
N GLN D 169 -19.92 5.27 7.15
CA GLN D 169 -20.02 6.61 6.55
C GLN D 169 -20.17 7.70 7.62
N VAL D 170 -19.38 7.62 8.68
CA VAL D 170 -19.27 8.68 9.68
C VAL D 170 -18.04 9.51 9.35
N SER D 171 -18.23 10.79 9.07
CA SER D 171 -17.12 11.64 8.67
C SER D 171 -16.16 11.86 9.84
N CYS D 172 -14.86 11.76 9.56
CA CYS D 172 -13.83 12.04 10.57
C CYS D 172 -13.52 13.53 10.54
N ALA D 173 -13.86 14.22 11.63
CA ALA D 173 -13.59 15.65 11.72
C ALA D 173 -12.12 15.96 11.96
N GLY D 174 -11.28 14.95 12.20
CA GLY D 174 -9.88 15.16 12.41
C GLY D 174 -9.37 14.40 13.62
N LEU D 175 -8.11 14.65 13.96
CA LEU D 175 -7.47 14.05 15.11
C LEU D 175 -7.11 15.11 16.12
N VAL D 176 -7.04 14.71 17.38
CA VAL D 176 -6.45 15.54 18.41
C VAL D 176 -5.55 14.64 19.24
N ILE D 177 -4.34 15.11 19.48
CA ILE D 177 -3.43 14.43 20.39
C ILE D 177 -3.81 14.90 21.80
N GLY D 178 -4.35 13.98 22.61
CA GLY D 178 -4.87 14.35 23.91
C GLY D 178 -3.82 14.94 24.83
N SER D 179 -2.68 14.27 24.95
CA SER D 179 -1.60 14.71 25.82
C SER D 179 -0.31 14.66 25.01
N TRP D 180 0.35 15.82 24.87
CA TRP D 180 1.60 15.94 24.13
C TRP D 180 2.75 16.29 25.07
N PRO D 181 3.83 15.51 25.11
CA PRO D 181 4.83 15.67 26.16
C PRO D 181 5.86 16.76 25.81
N ASP D 182 6.52 17.24 26.86
CA ASP D 182 7.61 18.20 26.72
C ASP D 182 8.76 17.78 27.62
N PRO D 183 9.85 17.23 27.07
CA PRO D 183 10.02 17.12 25.62
C PRO D 183 9.51 15.82 25.02
N PRO D 184 9.17 15.82 23.73
CA PRO D 184 8.79 14.58 23.07
C PRO D 184 10.00 13.76 22.69
N GLY D 185 9.98 12.48 23.04
CA GLY D 185 11.03 11.57 22.66
C GLY D 185 11.06 11.34 21.15
N LEU D 186 11.78 10.28 20.77
CA LEU D 186 11.90 9.95 19.36
C LEU D 186 10.61 9.36 18.81
N VAL D 187 9.96 8.49 19.59
CA VAL D 187 8.70 7.92 19.14
C VAL D 187 7.66 9.03 18.94
N ALA D 188 7.47 9.86 19.98
CA ALA D 188 6.37 10.82 19.95
C ALA D 188 6.51 11.78 18.78
N ALA D 189 7.71 12.34 18.59
CA ALA D 189 7.90 13.28 17.49
C ALA D 189 7.63 12.63 16.15
N SER D 190 8.05 11.39 15.99
CA SER D 190 7.77 10.67 14.75
C SER D 190 6.28 10.46 14.58
N ASN D 191 5.60 9.98 15.63
CA ASN D 191 4.17 9.71 15.52
C ASN D 191 3.39 10.95 15.14
N ARG D 192 3.79 12.11 15.67
CA ARG D 192 3.12 13.35 15.30
C ARG D 192 3.14 13.55 13.79
N SER D 193 4.23 13.14 13.15
CA SER D 193 4.31 13.27 11.69
C SER D 193 3.50 12.18 11.00
N ALA D 194 3.76 10.92 11.35
CA ALA D 194 2.97 9.82 10.81
C ALA D 194 1.47 10.06 10.98
N LEU D 195 1.04 10.70 12.07
CA LEU D 195 -0.39 10.88 12.31
C LEU D 195 -1.00 11.86 11.32
N ALA D 196 -0.31 12.97 11.05
CA ALA D 196 -0.80 13.93 10.06
C ALA D 196 -0.94 13.29 8.68
N ARG D 197 -0.15 12.27 8.40
CA ARG D 197 -0.25 11.62 7.09
C ARG D 197 -1.53 10.79 6.96
N ILE D 198 -2.13 10.41 8.08
CA ILE D 198 -3.37 9.64 8.07
C ILE D 198 -4.60 10.55 7.97
N ALA D 199 -4.62 11.62 8.76
CA ALA D 199 -5.74 12.55 8.76
C ALA D 199 -5.24 13.86 9.35
N MET D 200 -6.10 14.87 9.28
CA MET D 200 -5.75 16.16 9.85
C MET D 200 -5.56 16.03 11.35
N VAL D 201 -4.48 16.59 11.86
CA VAL D 201 -4.32 16.78 13.30
C VAL D 201 -4.88 18.18 13.61
N ARG D 202 -5.90 18.24 14.47
CA ARG D 202 -6.54 19.52 14.73
C ARG D 202 -5.87 20.29 15.87
N ALA D 203 -5.18 19.59 16.78
CA ALA D 203 -4.60 20.21 17.96
C ALA D 203 -3.72 19.18 18.64
N ALA D 204 -2.75 19.66 19.40
CA ALA D 204 -1.87 18.80 20.19
C ALA D 204 -1.77 19.42 21.56
N LEU D 205 -2.37 18.79 22.54
CA LEU D 205 -2.63 19.45 23.82
C LEU D 205 -1.50 19.18 24.78
N PRO D 206 -0.95 20.19 25.46
CA PRO D 206 0.20 19.93 26.35
C PRO D 206 -0.18 19.01 27.49
N ALA D 207 0.74 18.13 27.86
CA ALA D 207 0.48 17.31 29.02
C ALA D 207 0.21 18.20 30.22
N GLY D 208 -0.62 17.69 31.13
CA GLY D 208 -0.98 18.48 32.29
C GLY D 208 -1.88 19.67 32.03
N ALA D 209 -2.65 19.68 30.93
CA ALA D 209 -3.53 20.81 30.66
C ALA D 209 -4.62 20.98 31.72
N ALA D 210 -5.06 19.88 32.36
CA ALA D 210 -6.16 19.98 33.32
C ALA D 210 -5.76 20.62 34.64
N SER D 211 -4.46 20.81 34.88
CA SER D 211 -3.98 21.54 36.06
C SER D 211 -3.81 23.03 35.80
N LEU D 212 -4.08 23.51 34.59
CA LEU D 212 -4.03 24.94 34.34
C LEU D 212 -5.20 25.63 35.03
N ASP D 213 -4.99 26.88 35.42
CA ASP D 213 -6.08 27.68 35.94
C ASP D 213 -6.98 28.10 34.78
N ALA D 214 -8.28 28.16 35.05
CA ALA D 214 -9.28 28.42 34.01
C ALA D 214 -8.92 29.61 33.14
N GLY D 215 -8.09 30.53 33.63
CA GLY D 215 -7.58 31.59 32.77
C GLY D 215 -6.51 31.07 31.82
N ASP D 216 -5.58 30.28 32.34
CA ASP D 216 -4.49 29.76 31.52
C ASP D 216 -4.97 28.65 30.60
N PHE D 217 -5.92 27.85 31.06
CA PHE D 217 -6.47 26.80 30.22
C PHE D 217 -7.12 27.39 28.97
N ALA D 218 -7.79 28.53 29.12
CA ALA D 218 -8.40 29.18 27.97
C ALA D 218 -7.34 29.66 26.97
N ALA D 219 -6.26 30.24 27.48
CA ALA D 219 -5.16 30.66 26.62
C ALA D 219 -4.64 29.49 25.79
N MET D 220 -4.34 28.37 26.46
CA MET D 220 -3.91 27.15 25.78
C MET D 220 -4.92 26.69 24.74
N SER D 221 -6.22 26.74 25.09
CA SER D 221 -7.24 26.19 24.22
C SER D 221 -7.35 26.96 22.91
N ALA D 222 -7.40 28.29 22.98
CA ALA D 222 -7.46 29.10 21.76
C ALA D 222 -6.21 28.94 20.92
N ALA D 223 -5.06 28.72 21.57
CA ALA D 223 -3.82 28.51 20.84
C ALA D 223 -3.77 27.13 20.19
N ALA D 224 -4.49 26.15 20.75
CA ALA D 224 -4.31 24.76 20.37
C ALA D 224 -4.96 24.44 19.01
N PHE D 225 -6.14 24.97 18.76
CA PHE D 225 -6.88 24.72 17.53
C PHE D 225 -6.69 25.87 16.55
N ASP D 226 -7.01 25.61 15.28
CA ASP D 226 -7.06 26.66 14.28
C ASP D 226 -8.42 27.36 14.37
N ARG D 227 -8.41 28.67 14.67
CA ARG D 227 -9.66 29.39 14.93
C ARG D 227 -10.59 29.36 13.72
N ASN D 228 -10.03 29.46 12.52
CA ASN D 228 -10.86 29.36 11.32
C ASN D 228 -11.57 28.01 11.25
N TRP D 229 -10.86 26.93 11.58
CA TRP D 229 -11.52 25.64 11.70
C TRP D 229 -12.56 25.66 12.81
N VAL D 230 -12.17 26.15 13.99
CA VAL D 230 -13.08 26.27 15.13
C VAL D 230 -14.34 27.02 14.71
N ALA D 231 -14.16 28.23 14.17
CA ALA D 231 -15.28 29.08 13.79
C ALA D 231 -16.10 28.48 12.65
N GLY D 232 -15.48 27.65 11.81
CA GLY D 232 -16.19 27.02 10.72
C GLY D 232 -17.15 25.94 11.15
N LEU D 233 -16.91 25.33 12.33
CA LEU D 233 -17.78 24.27 12.81
C LEU D 233 -19.20 24.74 13.02
N VAL D 234 -19.39 26.04 13.25
CA VAL D 234 -20.70 26.70 13.34
C VAL D 234 -21.65 25.93 14.26
N1 CTP E . -8.52 -7.72 -26.71
C2 CTP E . -9.44 -8.92 -26.67
N3 CTP E . -9.63 -9.67 -25.42
C4 CTP E . -8.97 -9.30 -24.21
C5 CTP E . -8.05 -8.12 -24.22
C6 CTP E . -7.84 -7.36 -25.49
O2 CTP E . -10.02 -9.28 -27.63
N4 CTP E . -9.23 -10.09 -23.01
C1' CTP E . -8.29 -7.04 -27.85
C2' CTP E . -9.13 -5.76 -28.02
O2' CTP E . -10.39 -6.09 -28.73
C3' CTP E . -8.37 -4.97 -28.77
C4' CTP E . -6.82 -5.29 -28.32
O4' CTP E . -6.79 -6.50 -27.85
O3' CTP E . -8.56 -5.30 -30.15
C5' CTP E . -6.31 -4.36 -27.23
O5' CTP E . -7.21 -4.27 -26.16
PA CTP E . -7.68 -2.74 -25.67
O1A CTP E . -8.74 -2.87 -24.62
O2A CTP E . -8.18 -1.88 -26.82
O3A CTP E . -6.28 -2.10 -25.08
PB CTP E . -6.14 -0.53 -24.57
O1B CTP E . -7.52 0.01 -24.29
O2B CTP E . -5.27 -0.54 -23.33
O3B CTP E . -5.36 0.39 -25.67
PG CTP E . -5.63 2.00 -25.88
O1G CTP E . -6.97 2.46 -25.30
O2G CTP E . -4.49 2.81 -25.27
O3G CTP E . -5.65 2.17 -27.39
MG MG F . -8.66 1.55 -24.87
C1 DSD G . 2.98 7.06 -25.37
O1 DSD G . 3.01 6.61 -24.18
O2 DSD G . 3.97 7.06 -26.15
C2 DSD G . 1.66 7.61 -25.88
C3 DSD G . 0.70 6.48 -26.21
C4 DSD G . -0.66 7.08 -26.50
C5 DSD G . -1.64 5.98 -26.81
C6 DSD G . -2.86 6.59 -27.48
C7 DSD G . -3.95 5.56 -27.66
C8 DSD G . -3.77 4.70 -28.90
C9 DSD G . -3.73 5.56 -30.16
N7 DSD G . -5.18 6.25 -27.88
C DSD G . -6.21 6.02 -26.92
O DSD G . -7.15 6.75 -26.90
OXT DSD G . -6.07 4.93 -26.05
N8 DSD G . -4.97 3.90 -28.93
CAC FLC H . 18.04 -7.42 -23.71
CA FLC H . 19.32 -7.08 -24.47
CB FLC H . 18.78 -6.76 -25.86
CBC FLC H . 17.76 -5.63 -25.70
CG FLC H . 19.88 -6.38 -26.83
CGC FLC H . 19.42 -6.12 -28.27
OA1 FLC H . 17.87 -7.12 -22.50
OA2 FLC H . 17.10 -8.01 -24.31
OB1 FLC H . 17.91 -4.72 -24.85
OB2 FLC H . 16.74 -5.64 -26.42
OG1 FLC H . 18.23 -6.35 -28.62
OG2 FLC H . 20.26 -5.65 -29.09
OHB FLC H . 18.18 -7.92 -26.35
N1 CTP I . 5.23 -12.07 28.32
C2 CTP I . 5.34 -13.21 29.29
N3 CTP I . 4.26 -14.23 29.37
C4 CTP I . 3.10 -14.12 28.53
C5 CTP I . 2.98 -12.99 27.57
C6 CTP I . 4.06 -11.96 27.48
O2 CTP I . 6.29 -13.32 30.00
N4 CTP I . 2.04 -15.14 28.64
C1' CTP I . 6.19 -11.14 28.27
C2' CTP I . 7.17 -11.26 27.10
O2' CTP I . 8.32 -12.12 27.45
C3' CTP I . 7.56 -9.98 26.95
C4' CTP I . 6.21 -9.10 27.15
O4' CTP I . 5.50 -9.74 28.05
O3' CTP I . 8.50 -9.64 27.97
C5' CTP I . 5.44 -8.97 25.85
O5' CTP I . 6.33 -9.46 24.88
PA CTP I . 5.81 -10.16 23.49
O1A CTP I . 5.35 -11.61 23.66
O2A CTP I . 6.93 -10.14 22.49
O3A CTP I . 4.57 -9.21 22.99
PB CTP I . 4.39 -8.77 21.40
O1B CTP I . 2.92 -8.66 21.11
O2B CTP I . 5.05 -9.83 20.54
O3B CTP I . 5.12 -7.31 21.22
PG CTP I . 5.94 -6.85 19.86
O1G CTP I . 5.21 -5.70 19.19
O2G CTP I . 7.33 -6.40 20.27
O3G CTP I . 6.08 -8.04 18.91
MG MG J . 6.95 -9.81 18.98
C1 DSD K . 1.90 1.47 15.84
O1 DSD K . 0.73 1.32 15.40
O2 DSD K . 2.36 2.63 16.03
C2 DSD K . 2.67 0.19 16.17
C3 DSD K . 4.18 0.27 16.35
C4 DSD K . 4.76 -1.14 16.31
C5 DSD K . 6.03 -1.32 17.15
C6 DSD K . 7.01 -2.28 16.49
C7 DSD K . 7.52 -3.36 17.43
C8 DSD K . 8.53 -2.78 18.42
C9 DSD K . 9.80 -3.62 18.47
N7 DSD K . 8.17 -4.42 16.66
C DSD K . 7.65 -5.77 16.77
O DSD K . 6.32 -5.99 17.20
OXT DSD K . 8.33 -6.70 16.49
N8 DSD K . 7.92 -2.78 19.73
C1 DSD L . -13.07 -1.42 26.50
O1 DSD L . -12.92 -1.05 25.30
O2 DSD L . -13.17 -2.65 26.72
C2 DSD L . -13.05 -0.38 27.62
C3 DSD L . -14.37 0.34 27.84
C4 DSD L . -14.22 1.76 28.39
C5 DSD L . -13.87 1.79 29.88
C6 DSD L . -14.55 2.91 30.65
C7 DSD L . -13.60 4.09 30.85
C8 DSD L . -12.83 4.03 32.19
C9 DSD L . -13.37 2.97 33.15
N7 DSD L . -14.30 5.35 30.62
C DSD L . -15.37 5.87 31.44
O DSD L . -16.33 6.74 30.91
OXT DSD L . -15.46 5.59 32.59
N8 DSD L . -12.81 5.31 32.90
N1 CTP M . -4.70 15.22 30.86
C2 CTP M . -4.26 16.64 31.04
N3 CTP M . -3.90 17.46 29.86
C4 CTP M . -3.94 16.91 28.52
C5 CTP M . -4.36 15.49 28.34
C6 CTP M . -4.73 14.65 29.52
O2 CTP M . -4.21 17.12 32.13
N4 CTP M . -3.58 17.76 27.38
C1' CTP M . -4.99 14.44 31.92
C2' CTP M . -6.42 14.51 32.46
O2' CTP M . -6.54 15.46 33.60
C3' CTP M . -6.64 13.27 32.91
C4' CTP M . -5.73 12.24 32.04
O4' CTP M . -4.77 12.94 31.49
O3' CTP M . -6.26 13.16 34.29
C5' CTP M . -6.58 11.59 30.97
O5' CTP M . -7.47 12.56 30.50
PA CTP M . -9.07 12.19 30.37
O1A CTP M . -9.87 13.47 30.19
O2A CTP M . -9.59 11.45 31.57
O3A CTP M . -9.07 11.22 29.02
PB CTP M . -10.14 10.04 28.57
O1B CTP M . -11.44 10.70 28.21
O2B CTP M . -9.60 9.29 27.39
O3B CTP M . -10.36 9.01 29.82
PG CTP M . -11.76 8.18 29.93
O1G CTP M . -12.95 9.12 30.04
O2G CTP M . -11.73 7.31 31.17
O3G CTP M . -11.91 7.33 28.69
MG MG N . -12.76 11.07 29.63
#